data_4L5Z
#
_entry.id   4L5Z
#
_cell.length_a   77.124
_cell.length_b   97.748
_cell.length_c   98.194
_cell.angle_alpha   90.00
_cell.angle_beta   90.00
_cell.angle_gamma   90.00
#
_symmetry.space_group_name_H-M   'P 21 21 21'
#
loop_
_entity.id
_entity.type
_entity.pdbx_description
1 polymer '5-methyltetrahydropteroyltriglutamate--homocysteine methyltransferase'
2 non-polymer 'ZINC ION'
3 non-polymer '2-AMINO-4-MERCAPTO-BUTYRIC ACID'
4 water water
#
_entity_poly.entity_id   1
_entity_poly.type   'polypeptide(L)'
_entity_poly.pdbx_seq_one_letter_code
;MHHHHHHSSGVDLGTENLYFQSMVQSSVLGFPRIGGQRELKKITEAYWSGKATVEELLAKGKELREHNWKLQQKAGVDII
PSNDFSYYDQVLDLSLLFNAIPERYTKFDLAPIDVLFAMGRGLQAAATATQAAVDVTALEMVKWFDSNYHYVRPTFSHST
EFKLNTAAGIKPVDEFNEAKALGVQTRPVILGPVSYLYLGKADKDSLDLEPISLLPKILPVYKELLQKLKEAGAEQVQID
EPVLVLDLPEAVQSKFKEAYDALVGADVPELILTTYFGDVRPNLKAIENLPVAGFHFDFVRVPEQLDEVASILKDGQTLS
AGVVDGRNIWKTDFAKASAVVQKAIEKVGKDKVVVATSSSLLHTPVDLESETKLDAVIKDWFSFATQKLDEVVVIAKNVS
GEDVSKQLEANAASIKARSESSITNDPKVQERLTTINEALATRKAAFPERLTEQKAKYNLPLFPTTTIGSFPQTKDIRIN
RNKFAKGQITAEEYEAFINKEIETVVRFQEEIGLDVLVHGEPERNDMVQYFGEQLNGFAFTTNGWVQSYGSRYVRPPIIV
GDVSRPKAMTVKESVYAQSITSKPMKGMLTGPVTILRWSFPRDDVSGKIQALQLGLALRDEVNDLEGAGITVIQVDEPAI
REGLPLRAGKERSDYLNWAAQSFRVATSGVENSTQIHSHFCYSDLDPNHIKALDADVVSIEFSKKDDPNYIQEFSEYPNH
IGLGLFDIHSPRIPSKQEFVSRIEEILKVYPASKFWVNPDCGLKTRGWPEVKESLTNMVEAAKEFRAKY
;
_entity_poly.pdbx_strand_id   A
#
loop_
_chem_comp.id
_chem_comp.type
_chem_comp.name
_chem_comp.formula
ZN non-polymer 'ZINC ION' 'Zn 2'
#
# COMPACT_ATOMS: atom_id res chain seq x y z
N MET A 23 -35.91 13.72 0.64
CA MET A 23 -35.18 12.63 -0.04
C MET A 23 -33.68 12.79 0.14
N VAL A 24 -33.03 11.77 0.71
CA VAL A 24 -31.63 11.79 0.99
C VAL A 24 -30.90 11.21 -0.20
N GLN A 25 -29.99 11.98 -0.80
CA GLN A 25 -29.16 11.49 -1.92
C GLN A 25 -28.02 10.55 -1.53
N SER A 26 -27.58 9.77 -2.51
CA SER A 26 -26.46 8.84 -2.34
C SER A 26 -25.33 9.35 -3.18
N SER A 27 -24.10 9.00 -2.83
CA SER A 27 -22.90 9.66 -3.40
C SER A 27 -21.75 8.66 -3.43
N VAL A 28 -20.98 8.67 -4.51
CA VAL A 28 -19.86 7.78 -4.70
C VAL A 28 -18.69 8.70 -4.93
N LEU A 29 -17.63 8.58 -4.12
CA LEU A 29 -16.47 9.54 -4.22
C LEU A 29 -15.49 9.24 -5.36
N GLY A 30 -15.61 8.05 -5.96
CA GLY A 30 -14.75 7.68 -7.11
C GLY A 30 -14.89 6.17 -7.31
N PHE A 31 -14.68 5.73 -8.54
CA PHE A 31 -14.90 4.36 -8.93
C PHE A 31 -13.57 3.82 -9.47
N PRO A 32 -13.23 2.58 -9.18
CA PRO A 32 -11.98 2.11 -9.68
C PRO A 32 -12.06 2.02 -11.19
N ARG A 33 -10.94 2.24 -11.87
CA ARG A 33 -10.93 2.41 -13.34
C ARG A 33 -10.19 1.35 -14.14
N ILE A 34 -9.69 0.33 -13.48
CA ILE A 34 -8.86 -0.70 -14.11
C ILE A 34 -9.67 -1.60 -15.04
N GLY A 35 -10.98 -1.63 -14.80
CA GLY A 35 -11.91 -2.43 -15.57
C GLY A 35 -12.19 -3.76 -14.90
N GLY A 36 -13.37 -4.25 -15.15
CA GLY A 36 -13.85 -5.48 -14.58
C GLY A 36 -13.04 -6.68 -15.02
N GLN A 37 -12.38 -6.57 -16.16
CA GLN A 37 -11.43 -7.61 -16.63
C GLN A 37 -10.02 -7.07 -16.83
N ARG A 38 -9.64 -6.06 -16.08
CA ARG A 38 -8.33 -5.45 -16.22
C ARG A 38 -8.06 -4.83 -17.62
N GLU A 39 -9.10 -4.37 -18.29
CA GLU A 39 -8.94 -3.72 -19.61
C GLU A 39 -7.96 -2.56 -19.63
N LEU A 40 -7.89 -1.78 -18.53
CA LEU A 40 -6.99 -0.65 -18.54
C LEU A 40 -5.53 -1.08 -18.61
N LYS A 41 -5.19 -2.13 -17.87
CA LYS A 41 -3.85 -2.62 -17.84
C LYS A 41 -3.45 -3.14 -19.22
N LYS A 42 -4.31 -3.95 -19.84
CA LYS A 42 -3.95 -4.55 -21.14
C LYS A 42 -3.78 -3.46 -22.15
N ILE A 43 -4.70 -2.53 -22.21
CA ILE A 43 -4.60 -1.52 -23.26
C ILE A 43 -3.44 -0.55 -23.01
N THR A 44 -3.16 -0.16 -21.76
CA THR A 44 -2.07 0.77 -21.52
C THR A 44 -0.71 0.12 -21.79
N GLU A 45 -0.57 -1.15 -21.39
CA GLU A 45 0.64 -1.96 -21.68
C GLU A 45 0.82 -2.25 -23.16
N ALA A 46 -0.29 -2.47 -23.86
CA ALA A 46 -0.23 -2.62 -25.33
C ALA A 46 0.19 -1.32 -25.96
N TYR A 47 -0.15 -0.17 -25.35
CA TYR A 47 0.26 1.12 -25.93
C TYR A 47 1.72 1.32 -25.73
N TRP A 48 2.18 1.03 -24.51
CA TRP A 48 3.57 1.22 -24.14
C TRP A 48 4.44 0.27 -24.95
N SER A 49 3.92 -0.91 -25.29
CA SER A 49 4.71 -1.91 -25.97
C SER A 49 4.71 -1.60 -27.48
N GLY A 50 3.68 -0.93 -27.96
CA GLY A 50 3.61 -0.53 -29.34
C GLY A 50 2.66 -1.36 -30.17
N LYS A 51 2.00 -2.35 -29.55
CA LYS A 51 0.92 -3.08 -30.18
C LYS A 51 -0.30 -2.20 -30.46
N ALA A 52 -0.54 -1.18 -29.61
CA ALA A 52 -1.74 -0.36 -29.74
C ALA A 52 -1.38 1.09 -30.02
N THR A 53 -2.23 1.76 -30.77
CA THR A 53 -2.10 3.18 -30.97
C THR A 53 -2.70 4.00 -29.78
N VAL A 54 -2.24 5.24 -29.65
CA VAL A 54 -2.73 6.17 -28.65
C VAL A 54 -4.19 6.39 -28.92
N GLU A 55 -4.58 6.34 -30.20
CA GLU A 55 -5.98 6.46 -30.51
C GLU A 55 -6.77 5.34 -29.87
N GLU A 56 -6.27 4.11 -29.94
CA GLU A 56 -6.93 2.96 -29.33
C GLU A 56 -6.94 3.09 -27.80
N LEU A 57 -5.85 3.66 -27.27
CA LEU A 57 -5.73 3.87 -25.87
C LEU A 57 -6.90 4.76 -25.41
N LEU A 58 -7.08 5.92 -26.03
CA LEU A 58 -8.11 6.87 -25.62
C LEU A 58 -9.52 6.33 -25.87
N ALA A 59 -9.71 5.55 -26.95
CA ALA A 59 -11.02 4.91 -27.24
C ALA A 59 -11.33 3.98 -26.10
N LYS A 60 -10.32 3.29 -25.61
CA LYS A 60 -10.60 2.33 -24.58
C LYS A 60 -10.92 3.00 -23.19
N GLY A 61 -10.22 4.07 -22.86
CA GLY A 61 -10.53 4.88 -21.68
C GLY A 61 -11.95 5.39 -21.75
N LYS A 62 -12.37 5.90 -22.92
CA LYS A 62 -13.72 6.40 -23.13
C LYS A 62 -14.79 5.34 -22.87
N GLU A 63 -14.55 4.17 -23.41
CA GLU A 63 -15.44 3.07 -23.14
C GLU A 63 -15.51 2.69 -21.63
N LEU A 64 -14.37 2.70 -20.92
CA LEU A 64 -14.40 2.35 -19.51
C LEU A 64 -15.18 3.41 -18.75
N ARG A 65 -14.89 4.66 -19.03
CA ARG A 65 -15.57 5.71 -18.30
C ARG A 65 -17.10 5.62 -18.46
N GLU A 66 -17.51 5.41 -19.70
CA GLU A 66 -18.93 5.32 -20.05
C GLU A 66 -19.53 4.13 -19.38
N HIS A 67 -18.85 3.02 -19.48
CA HIS A 67 -19.33 1.86 -18.80
C HIS A 67 -19.52 2.13 -17.28
N ASN A 68 -18.57 2.79 -16.62
CA ASN A 68 -18.68 2.95 -15.15
C ASN A 68 -19.74 4.00 -14.79
N TRP A 69 -19.97 4.96 -15.69
CA TRP A 69 -20.95 5.95 -15.43
C TRP A 69 -22.37 5.32 -15.48
N LYS A 70 -22.63 4.52 -16.52
CA LYS A 70 -23.92 3.82 -16.69
C LYS A 70 -24.18 2.84 -15.58
N LEU A 71 -23.13 2.24 -15.10
CA LEU A 71 -23.25 1.37 -13.99
C LEU A 71 -23.77 2.10 -12.74
N GLN A 72 -23.26 3.29 -12.49
CA GLN A 72 -23.63 4.02 -11.28
C GLN A 72 -25.04 4.62 -11.45
N GLN A 73 -25.37 5.10 -12.65
CA GLN A 73 -26.71 5.63 -12.94
C GLN A 73 -27.78 4.55 -12.75
N LYS A 74 -27.51 3.38 -13.31
CA LYS A 74 -28.36 2.25 -13.19
C LYS A 74 -28.55 1.74 -11.76
N ALA A 75 -27.51 1.81 -10.93
CA ALA A 75 -27.69 1.49 -9.54
C ALA A 75 -28.61 2.49 -8.86
N GLY A 76 -28.71 3.71 -9.39
CA GLY A 76 -29.52 4.72 -8.73
C GLY A 76 -28.71 5.70 -7.89
N VAL A 77 -27.39 5.67 -8.00
CA VAL A 77 -26.57 6.69 -7.35
C VAL A 77 -26.91 8.10 -7.88
N ASP A 78 -27.15 9.03 -6.99
CA ASP A 78 -27.47 10.41 -7.41
C ASP A 78 -26.25 11.21 -7.82
N ILE A 79 -25.18 11.14 -7.01
CA ILE A 79 -23.98 11.99 -7.16
C ILE A 79 -22.87 11.08 -7.60
N ILE A 80 -22.51 11.23 -8.85
CA ILE A 80 -21.68 10.27 -9.57
C ILE A 80 -20.43 11.03 -10.00
N PRO A 81 -19.26 10.51 -9.69
CA PRO A 81 -18.02 11.26 -9.98
C PRO A 81 -17.59 11.27 -11.42
N SER A 82 -16.85 12.30 -11.79
CA SER A 82 -16.04 12.30 -12.98
C SER A 82 -14.68 12.89 -12.61
N ASN A 83 -13.72 12.73 -13.51
CA ASN A 83 -12.30 13.06 -13.31
C ASN A 83 -11.57 12.10 -12.36
N ASP A 84 -12.28 11.06 -11.92
CA ASP A 84 -11.79 10.02 -11.08
C ASP A 84 -11.02 8.99 -11.94
N PHE A 85 -11.27 8.99 -13.23
CA PHE A 85 -10.57 8.10 -14.10
C PHE A 85 -9.14 8.58 -14.22
N SER A 86 -8.20 7.66 -14.45
CA SER A 86 -6.84 8.04 -14.83
C SER A 86 -6.19 6.96 -15.65
N TYR A 87 -5.26 7.38 -16.50
CA TYR A 87 -4.41 6.41 -17.24
C TYR A 87 -3.23 5.93 -16.42
N TYR A 88 -2.95 6.62 -15.33
CA TYR A 88 -1.79 6.29 -14.51
C TYR A 88 -2.05 6.72 -13.08
N ASP A 89 -2.20 8.01 -12.84
CA ASP A 89 -2.44 8.49 -11.45
C ASP A 89 -3.14 9.80 -11.53
N GLN A 90 -4.21 9.97 -10.76
CA GLN A 90 -4.94 11.22 -10.70
C GLN A 90 -4.14 12.44 -10.13
N VAL A 91 -3.21 12.21 -9.22
CA VAL A 91 -2.40 13.36 -8.75
C VAL A 91 -1.51 13.85 -9.86
N LEU A 92 -0.91 12.88 -10.56
CA LEU A 92 -0.13 13.19 -11.73
C LEU A 92 -0.96 13.91 -12.79
N ASP A 93 -2.19 13.46 -13.01
CA ASP A 93 -3.05 14.18 -13.95
C ASP A 93 -3.17 15.68 -13.58
N LEU A 94 -3.29 16.01 -12.30
CA LEU A 94 -3.37 17.40 -11.89
C LEU A 94 -2.06 18.16 -12.19
N SER A 95 -0.92 17.49 -12.00
CA SER A 95 0.37 18.11 -12.29
C SER A 95 0.45 18.45 -13.76
N LEU A 96 0.04 17.53 -14.63
CA LEU A 96 0.00 17.80 -16.10
C LEU A 96 -0.85 19.02 -16.38
N LEU A 97 -2.07 18.94 -15.89
CA LEU A 97 -3.08 19.99 -16.05
C LEU A 97 -2.69 21.36 -15.53
N PHE A 98 -1.85 21.43 -14.50
CA PHE A 98 -1.50 22.72 -13.86
C PHE A 98 -0.06 23.19 -14.25
N ASN A 99 0.59 22.41 -15.10
CA ASN A 99 1.93 22.70 -15.54
C ASN A 99 3.04 22.52 -14.48
N ALA A 100 2.86 21.62 -13.50
CA ALA A 100 3.95 21.20 -12.58
C ALA A 100 4.72 20.10 -13.29
N ILE A 101 5.46 20.51 -14.32
CA ILE A 101 6.20 19.62 -15.19
C ILE A 101 7.67 20.04 -15.19
N PRO A 102 8.56 19.26 -14.55
CA PRO A 102 10.00 19.61 -14.58
C PRO A 102 10.60 19.61 -16.02
N GLU A 103 11.57 20.50 -16.28
CA GLU A 103 12.15 20.69 -17.63
C GLU A 103 12.68 19.39 -18.19
N ARG A 104 13.24 18.55 -17.36
CA ARG A 104 13.84 17.32 -17.85
C ARG A 104 12.86 16.45 -18.67
N TYR A 105 11.55 16.67 -18.52
CA TYR A 105 10.55 15.83 -19.20
C TYR A 105 10.08 16.36 -20.57
N THR A 106 10.41 17.60 -20.87
CA THR A 106 9.99 18.27 -22.13
C THR A 106 10.98 18.12 -23.33
N LYS A 107 12.11 17.47 -23.12
CA LYS A 107 13.22 17.57 -24.08
C LYS A 107 13.10 16.63 -25.29
N PHE A 108 11.96 15.96 -25.49
CA PHE A 108 11.93 14.76 -26.35
C PHE A 108 10.81 14.71 -27.40
N ASP A 109 10.29 15.88 -27.76
CA ASP A 109 9.21 16.03 -28.75
C ASP A 109 8.02 15.07 -28.42
N LEU A 110 7.60 15.09 -27.14
CA LEU A 110 6.53 14.22 -26.65
C LEU A 110 5.18 14.90 -26.59
N ALA A 111 4.13 14.18 -27.03
CA ALA A 111 2.75 14.59 -26.74
C ALA A 111 2.42 14.62 -25.22
N PRO A 112 1.48 15.48 -24.80
CA PRO A 112 1.10 15.56 -23.37
C PRO A 112 0.87 14.19 -22.70
N ILE A 113 0.21 13.27 -23.38
CA ILE A 113 -0.04 12.00 -22.76
C ILE A 113 1.25 11.21 -22.66
N ASP A 114 2.22 11.41 -23.55
CA ASP A 114 3.51 10.69 -23.36
C ASP A 114 4.42 11.38 -22.32
N VAL A 115 4.32 12.70 -22.21
CA VAL A 115 4.91 13.41 -21.09
C VAL A 115 4.38 12.90 -19.74
N LEU A 116 3.09 12.62 -19.68
CA LEU A 116 2.48 12.07 -18.49
C LEU A 116 3.12 10.75 -18.20
N PHE A 117 3.19 9.88 -19.20
CA PHE A 117 3.76 8.57 -18.95
C PHE A 117 5.24 8.68 -18.66
N ALA A 118 5.92 9.66 -19.25
CA ALA A 118 7.34 9.89 -18.93
C ALA A 118 7.54 10.12 -17.44
N MET A 119 6.85 11.11 -16.92
CA MET A 119 6.90 11.49 -15.49
C MET A 119 6.55 10.32 -14.61
N GLY A 120 5.59 9.54 -15.08
CA GLY A 120 5.00 8.51 -14.29
C GLY A 120 5.88 7.31 -14.23
N ARG A 121 6.35 6.85 -15.37
CA ARG A 121 7.18 5.64 -15.40
C ARG A 121 8.60 5.80 -15.94
N GLY A 122 9.07 7.03 -16.15
CA GLY A 122 10.44 7.23 -16.62
C GLY A 122 10.47 7.14 -18.14
N LEU A 123 11.66 7.21 -18.72
CA LEU A 123 11.73 7.25 -20.17
C LEU A 123 13.00 6.64 -20.70
N GLN A 124 12.91 5.39 -21.15
CA GLN A 124 14.05 4.65 -21.72
C GLN A 124 14.73 5.42 -22.86
N VAL A 134 19.40 9.41 -23.48
CA VAL A 134 17.94 9.25 -23.37
C VAL A 134 17.56 8.38 -22.16
N ASP A 135 17.64 8.93 -20.93
CA ASP A 135 17.18 8.18 -19.73
C ASP A 135 16.67 8.93 -18.46
N VAL A 136 15.50 9.56 -18.54
CA VAL A 136 14.91 10.21 -17.34
C VAL A 136 14.33 9.20 -16.33
N THR A 137 14.66 9.38 -15.05
CA THR A 137 14.03 8.61 -13.99
C THR A 137 12.59 9.12 -13.84
N ALA A 138 11.70 8.21 -13.49
CA ALA A 138 10.35 8.57 -13.10
C ALA A 138 10.38 9.44 -11.87
N LEU A 139 9.44 10.35 -11.78
CA LEU A 139 9.18 11.01 -10.50
C LEU A 139 8.91 10.00 -9.38
N GLU A 140 9.17 10.42 -8.15
CA GLU A 140 8.95 9.56 -6.96
C GLU A 140 7.46 9.11 -6.78
N MET A 141 7.25 7.81 -6.64
N MET A 141 7.29 7.84 -6.51
CA MET A 141 5.94 7.25 -6.27
CA MET A 141 6.01 7.26 -6.23
C MET A 141 5.92 7.21 -4.75
C MET A 141 5.90 7.10 -4.73
N VAL A 142 4.80 7.59 -4.16
CA VAL A 142 4.63 7.71 -2.73
C VAL A 142 3.29 7.06 -2.33
N LYS A 143 3.27 6.43 -1.18
CA LYS A 143 2.08 5.83 -0.59
C LYS A 143 0.99 6.91 -0.37
N TRP A 144 -0.25 6.66 -0.78
CA TRP A 144 -1.38 7.56 -0.57
C TRP A 144 -1.96 7.35 0.82
N PHE A 145 -1.51 8.19 1.75
CA PHE A 145 -1.86 8.02 3.16
C PHE A 145 -1.53 6.59 3.61
N ASP A 146 -2.41 5.94 4.37
CA ASP A 146 -2.24 4.59 4.77
C ASP A 146 -3.06 3.61 3.91
N SER A 147 -3.42 4.05 2.71
CA SER A 147 -3.99 3.17 1.67
C SER A 147 -2.90 2.35 1.01
N ASN A 148 -3.29 1.36 0.22
CA ASN A 148 -2.33 0.59 -0.61
C ASN A 148 -2.20 1.16 -2.03
N TYR A 149 -2.68 2.37 -2.24
CA TYR A 149 -2.47 3.03 -3.51
C TYR A 149 -1.21 3.92 -3.45
N HIS A 150 -0.55 4.10 -4.59
CA HIS A 150 0.59 5.03 -4.68
C HIS A 150 0.35 6.11 -5.71
N TYR A 151 0.67 7.34 -5.34
CA TYR A 151 0.53 8.46 -6.25
C TYR A 151 1.89 8.94 -6.74
N VAL A 152 1.92 9.81 -7.77
CA VAL A 152 3.14 10.42 -8.22
C VAL A 152 3.30 11.81 -7.62
N ARG A 153 4.43 12.00 -6.96
CA ARG A 153 4.60 13.12 -6.09
C ARG A 153 4.69 14.43 -6.90
N PRO A 154 3.83 15.41 -6.58
CA PRO A 154 3.97 16.69 -7.25
C PRO A 154 5.34 17.29 -6.90
N THR A 155 6.00 17.78 -7.93
CA THR A 155 7.35 18.21 -7.81
C THR A 155 7.45 19.62 -8.31
N PHE A 156 7.91 20.52 -7.46
CA PHE A 156 7.94 21.95 -7.76
C PHE A 156 9.35 22.59 -7.69
N SER A 157 9.57 23.54 -8.60
CA SER A 157 10.78 24.40 -8.62
C SER A 157 10.46 25.88 -8.41
N HIS A 158 11.51 26.65 -8.15
CA HIS A 158 11.46 28.09 -8.16
C HIS A 158 10.97 28.55 -9.50
N SER A 159 11.37 27.86 -10.56
CA SER A 159 10.92 28.23 -11.93
C SER A 159 9.50 27.79 -12.30
N THR A 160 8.89 26.91 -11.51
CA THR A 160 7.56 26.45 -11.87
C THR A 160 6.62 27.62 -12.11
N GLU A 161 5.96 27.54 -13.25
CA GLU A 161 5.03 28.52 -13.69
C GLU A 161 3.70 27.77 -13.81
N PHE A 162 2.81 27.99 -12.86
CA PHE A 162 1.51 27.30 -12.85
C PHE A 162 0.59 27.95 -13.82
N LYS A 163 -0.06 27.12 -14.62
CA LYS A 163 -1.09 27.59 -15.52
C LYS A 163 -1.85 26.39 -16.06
N LEU A 164 -3.00 26.69 -16.67
CA LEU A 164 -3.88 25.70 -17.32
C LEU A 164 -3.35 25.29 -18.65
N ASN A 165 -2.91 24.06 -18.75
CA ASN A 165 -2.43 23.52 -20.00
C ASN A 165 -3.70 23.08 -20.71
N THR A 166 -4.10 23.85 -21.71
CA THR A 166 -5.32 23.59 -22.49
C THR A 166 -4.99 22.96 -23.82
N ALA A 167 -3.69 22.76 -24.07
CA ALA A 167 -3.19 22.08 -25.25
C ALA A 167 -3.88 20.74 -25.55
N ALA A 168 -3.73 19.79 -24.62
CA ALA A 168 -4.28 18.43 -24.78
C ALA A 168 -5.81 18.32 -24.74
N GLY A 169 -6.45 19.38 -24.26
CA GLY A 169 -7.82 19.30 -23.75
C GLY A 169 -7.68 19.44 -22.24
N ILE A 170 -8.75 19.83 -21.56
CA ILE A 170 -8.77 19.94 -20.12
C ILE A 170 -9.53 18.71 -19.58
N LYS A 171 -8.79 17.74 -19.05
CA LYS A 171 -9.38 16.45 -18.74
C LYS A 171 -10.65 16.58 -17.88
N PRO A 172 -10.60 17.35 -16.80
CA PRO A 172 -11.88 17.39 -16.03
C PRO A 172 -13.09 17.92 -16.79
N VAL A 173 -12.86 18.96 -17.61
CA VAL A 173 -13.92 19.55 -18.47
C VAL A 173 -14.28 18.54 -19.55
N ASP A 174 -13.31 17.96 -20.23
CA ASP A 174 -13.66 16.98 -21.27
C ASP A 174 -14.41 15.77 -20.73
N GLU A 175 -14.05 15.26 -19.54
CA GLU A 175 -14.72 14.04 -19.04
C GLU A 175 -16.10 14.38 -18.46
N PHE A 176 -16.25 15.55 -17.86
CA PHE A 176 -17.61 16.03 -17.51
C PHE A 176 -18.54 16.07 -18.72
N ASN A 177 -18.04 16.60 -19.85
CA ASN A 177 -18.85 16.77 -21.10
C ASN A 177 -19.20 15.43 -21.69
N GLU A 178 -18.24 14.52 -21.74
CA GLU A 178 -18.57 13.14 -22.14
C GLU A 178 -19.73 12.54 -21.35
N ALA A 179 -19.63 12.56 -20.03
CA ALA A 179 -20.64 11.97 -19.20
C ALA A 179 -21.96 12.68 -19.44
N LYS A 180 -21.89 14.01 -19.55
CA LYS A 180 -23.12 14.79 -19.87
C LYS A 180 -23.82 14.32 -21.19
N ALA A 181 -23.04 14.12 -22.24
CA ALA A 181 -23.57 13.65 -23.54
C ALA A 181 -24.20 12.27 -23.41
N LEU A 182 -23.83 11.51 -22.41
CA LEU A 182 -24.55 10.28 -22.14
C LEU A 182 -25.82 10.52 -21.34
N GLY A 183 -26.18 11.75 -21.01
CA GLY A 183 -27.30 11.92 -20.06
C GLY A 183 -26.92 11.63 -18.59
N VAL A 184 -25.62 11.67 -18.24
CA VAL A 184 -25.19 11.51 -16.84
C VAL A 184 -24.57 12.80 -16.31
N GLN A 185 -25.31 13.50 -15.46
CA GLN A 185 -24.73 14.59 -14.71
C GLN A 185 -23.78 14.03 -13.61
N THR A 186 -22.56 14.53 -13.61
CA THR A 186 -21.53 14.16 -12.68
C THR A 186 -21.01 15.28 -11.87
N ARG A 187 -20.33 14.90 -10.78
CA ARG A 187 -19.65 15.80 -9.91
C ARG A 187 -18.12 15.65 -10.05
N PRO A 188 -17.45 16.60 -10.71
CA PRO A 188 -15.99 16.46 -10.95
C PRO A 188 -15.25 16.37 -9.63
N VAL A 189 -14.18 15.57 -9.60
CA VAL A 189 -13.37 15.40 -8.41
C VAL A 189 -12.00 15.96 -8.70
N ILE A 190 -11.55 16.93 -7.91
CA ILE A 190 -10.18 17.37 -8.00
C ILE A 190 -9.55 17.45 -6.60
N LEU A 191 -8.25 17.15 -6.55
CA LEU A 191 -7.55 17.35 -5.34
C LEU A 191 -7.40 18.85 -5.13
N GLY A 192 -7.70 19.30 -3.91
CA GLY A 192 -7.67 20.74 -3.57
C GLY A 192 -6.25 21.32 -3.42
N PRO A 193 -6.11 22.66 -3.50
CA PRO A 193 -4.84 23.38 -3.56
C PRO A 193 -3.96 23.15 -2.36
N VAL A 194 -4.55 23.09 -1.15
CA VAL A 194 -3.68 22.95 0.01
C VAL A 194 -3.01 21.59 0.02
N SER A 195 -3.81 20.55 -0.16
CA SER A 195 -3.33 19.17 -0.12
C SER A 195 -2.43 18.90 -1.31
N TYR A 196 -2.76 19.43 -2.48
CA TYR A 196 -1.94 19.23 -3.65
C TYR A 196 -0.49 19.75 -3.43
N LEU A 197 -0.38 20.92 -2.81
CA LEU A 197 0.90 21.50 -2.55
C LEU A 197 1.55 20.85 -1.41
N TYR A 198 0.81 20.70 -0.31
CA TYR A 198 1.41 20.11 0.88
C TYR A 198 1.95 18.74 0.61
N LEU A 199 1.27 17.93 -0.19
CA LEU A 199 1.76 16.56 -0.42
C LEU A 199 2.91 16.56 -1.45
N GLY A 200 3.34 17.73 -1.92
CA GLY A 200 4.35 17.75 -2.98
C GLY A 200 5.74 17.92 -2.39
N LYS A 201 6.76 17.99 -3.25
CA LYS A 201 8.17 18.17 -2.82
C LYS A 201 8.94 19.17 -3.72
N ALA A 202 9.80 19.95 -3.08
CA ALA A 202 10.74 20.80 -3.81
C ALA A 202 11.64 19.96 -4.71
N ASP A 203 11.80 20.31 -5.97
CA ASP A 203 12.66 19.54 -6.91
C ASP A 203 14.15 19.61 -6.55
N LYS A 204 14.96 18.77 -7.22
CA LYS A 204 16.43 18.75 -7.09
C LYS A 204 17.04 20.15 -7.04
N ASP A 205 16.56 21.06 -7.88
CA ASP A 205 17.17 22.38 -8.04
C ASP A 205 16.67 23.47 -7.10
N SER A 206 15.80 23.13 -6.15
CA SER A 206 15.16 24.16 -5.35
C SER A 206 14.95 23.69 -3.89
N LEU A 207 15.92 22.90 -3.41
CA LEU A 207 15.85 22.24 -2.09
C LEU A 207 15.33 23.10 -0.94
N ASP A 208 15.32 24.42 -1.09
CA ASP A 208 14.87 25.29 -0.02
C ASP A 208 13.45 25.80 -0.21
N LEU A 209 12.81 25.41 -1.31
CA LEU A 209 11.46 25.89 -1.61
C LEU A 209 10.46 25.12 -0.76
N GLU A 210 9.59 25.86 -0.07
CA GLU A 210 8.46 25.29 0.68
C GLU A 210 7.19 25.24 -0.20
N PRO A 211 6.76 24.02 -0.58
CA PRO A 211 5.64 23.92 -1.57
C PRO A 211 4.42 24.78 -1.29
N ILE A 212 3.97 24.80 -0.05
CA ILE A 212 2.79 25.57 0.35
C ILE A 212 2.99 27.09 0.12
N SER A 213 4.23 27.56 0.02
CA SER A 213 4.48 28.99 -0.30
C SER A 213 4.00 29.36 -1.71
N LEU A 214 3.77 28.35 -2.55
CA LEU A 214 3.21 28.58 -3.89
C LEU A 214 1.66 28.81 -3.97
N LEU A 215 0.99 28.81 -2.82
CA LEU A 215 -0.46 28.85 -2.81
C LEU A 215 -0.94 30.03 -3.66
N PRO A 216 -0.39 31.25 -3.44
CA PRO A 216 -0.79 32.37 -4.31
C PRO A 216 -0.55 32.14 -5.80
N LYS A 217 0.44 31.38 -6.21
CA LYS A 217 0.55 31.18 -7.66
C LYS A 217 -0.51 30.21 -8.23
N ILE A 218 -0.90 29.18 -7.46
CA ILE A 218 -1.76 28.13 -8.01
C ILE A 218 -3.26 28.47 -7.90
N LEU A 219 -3.63 29.36 -6.96
CA LEU A 219 -5.02 29.64 -6.70
C LEU A 219 -5.79 30.13 -7.92
N PRO A 220 -5.22 31.11 -8.69
CA PRO A 220 -5.88 31.60 -9.91
C PRO A 220 -6.08 30.47 -10.91
N VAL A 221 -5.20 29.49 -10.92
CA VAL A 221 -5.32 28.41 -11.88
C VAL A 221 -6.49 27.46 -11.49
N TYR A 222 -6.64 27.18 -10.19
CA TYR A 222 -7.84 26.46 -9.71
C TYR A 222 -9.10 27.24 -10.08
N LYS A 223 -9.03 28.56 -9.88
CA LYS A 223 -10.22 29.43 -10.07
C LYS A 223 -10.68 29.30 -11.50
N GLU A 224 -9.72 29.37 -12.40
CA GLU A 224 -10.00 29.26 -13.84
C GLU A 224 -10.61 27.94 -14.16
N LEU A 225 -10.05 26.85 -13.60
CA LEU A 225 -10.57 25.52 -13.93
C LEU A 225 -12.03 25.39 -13.50
N LEU A 226 -12.30 25.84 -12.27
CA LEU A 226 -13.65 25.83 -11.72
C LEU A 226 -14.67 26.62 -12.52
N GLN A 227 -14.28 27.81 -12.98
CA GLN A 227 -15.06 28.61 -13.96
C GLN A 227 -15.36 27.83 -15.19
N LYS A 228 -14.37 27.15 -15.74
CA LYS A 228 -14.61 26.36 -16.95
C LYS A 228 -15.60 25.21 -16.71
N LEU A 229 -15.50 24.55 -15.54
CA LEU A 229 -16.40 23.47 -15.18
C LEU A 229 -17.83 23.96 -14.97
N LYS A 230 -17.98 25.12 -14.33
CA LYS A 230 -19.32 25.71 -14.17
C LYS A 230 -19.93 26.03 -15.55
N GLU A 231 -19.17 26.75 -16.35
CA GLU A 231 -19.50 27.05 -17.74
C GLU A 231 -19.94 25.76 -18.42
N ALA A 232 -19.23 24.65 -18.23
CA ALA A 232 -19.63 23.38 -18.88
C ALA A 232 -20.93 22.78 -18.35
N GLY A 233 -21.43 23.24 -17.18
CA GLY A 233 -22.64 22.69 -16.56
C GLY A 233 -22.46 21.96 -15.22
N ALA A 234 -21.25 22.00 -14.63
CA ALA A 234 -21.03 21.43 -13.30
C ALA A 234 -21.62 22.33 -12.21
N GLU A 235 -22.50 21.79 -11.40
CA GLU A 235 -23.14 22.53 -10.34
C GLU A 235 -22.44 22.25 -8.98
N GLN A 236 -21.86 21.05 -8.78
CA GLN A 236 -21.05 20.75 -7.60
C GLN A 236 -19.70 20.14 -8.01
N VAL A 237 -18.67 20.44 -7.21
CA VAL A 237 -17.37 19.85 -7.34
C VAL A 237 -16.91 19.34 -5.99
N GLN A 238 -16.42 18.12 -6.06
CA GLN A 238 -15.82 17.44 -4.95
C GLN A 238 -14.37 17.84 -4.86
N ILE A 239 -14.01 18.63 -3.89
CA ILE A 239 -12.63 19.09 -3.77
C ILE A 239 -11.99 18.42 -2.55
N ASP A 240 -11.03 17.53 -2.84
CA ASP A 240 -10.46 16.64 -1.86
C ASP A 240 -9.39 17.40 -1.04
N GLU A 241 -9.54 17.44 0.29
CA GLU A 241 -8.47 18.04 1.12
C GLU A 241 -8.14 17.05 2.22
N PRO A 242 -7.63 15.88 1.85
CA PRO A 242 -7.33 14.85 2.85
C PRO A 242 -6.23 15.19 3.86
N VAL A 243 -5.33 16.15 3.57
CA VAL A 243 -4.34 16.54 4.55
C VAL A 243 -4.98 17.02 5.89
N LEU A 244 -6.27 17.34 5.88
CA LEU A 244 -6.99 17.62 7.11
C LEU A 244 -7.06 16.51 8.12
N VAL A 245 -6.81 15.26 7.73
CA VAL A 245 -6.74 14.21 8.68
C VAL A 245 -5.35 14.01 9.26
N LEU A 246 -4.41 14.83 8.86
CA LEU A 246 -3.07 14.74 9.42
C LEU A 246 -2.81 15.84 10.43
N ASP A 247 -1.64 15.73 11.10
CA ASP A 247 -1.14 16.76 12.01
C ASP A 247 -0.61 17.91 11.15
N LEU A 248 -1.23 19.07 11.26
CA LEU A 248 -0.84 20.18 10.42
C LEU A 248 -0.31 21.34 11.26
N PRO A 249 0.82 21.95 10.82
CA PRO A 249 1.28 23.19 11.42
C PRO A 249 0.19 24.23 11.37
N GLU A 250 0.13 25.06 12.40
CA GLU A 250 -0.85 26.14 12.48
C GLU A 250 -0.79 27.00 11.24
N ALA A 251 0.41 27.22 10.73
CA ALA A 251 0.66 28.09 9.55
C ALA A 251 0.06 27.50 8.28
N VAL A 252 0.11 26.19 8.16
CA VAL A 252 -0.67 25.47 7.14
C VAL A 252 -2.18 25.51 7.40
N GLN A 253 -2.62 25.34 8.64
CA GLN A 253 -4.08 25.33 8.92
C GLN A 253 -4.80 26.60 8.50
N SER A 254 -4.11 27.75 8.61
CA SER A 254 -4.67 29.05 8.15
C SER A 254 -4.88 29.13 6.62
N LYS A 255 -4.25 28.25 5.85
CA LYS A 255 -4.33 28.38 4.37
C LYS A 255 -5.64 27.95 3.68
N PHE A 256 -6.46 27.25 4.42
CA PHE A 256 -7.76 26.75 3.93
C PHE A 256 -8.70 27.94 3.79
N LYS A 257 -8.63 28.81 4.81
CA LYS A 257 -9.42 30.06 4.76
C LYS A 257 -8.95 30.94 3.59
N GLU A 258 -7.65 31.15 3.47
CA GLU A 258 -7.11 31.86 2.32
C GLU A 258 -7.55 31.16 1.00
N ALA A 259 -7.34 29.83 0.86
CA ALA A 259 -7.61 29.18 -0.44
C ALA A 259 -9.07 29.24 -0.81
N TYR A 260 -9.95 28.91 0.14
CA TYR A 260 -11.35 28.78 -0.13
C TYR A 260 -12.07 30.15 -0.16
N ASP A 261 -11.65 31.13 0.65
CA ASP A 261 -12.14 32.52 0.39
C ASP A 261 -11.87 32.93 -1.06
N ALA A 262 -10.70 32.65 -1.59
CA ALA A 262 -10.41 32.97 -3.01
C ALA A 262 -11.24 32.12 -4.01
N LEU A 263 -11.44 30.83 -3.75
CA LEU A 263 -12.08 30.01 -4.79
C LEU A 263 -13.60 30.19 -4.91
N VAL A 264 -14.27 30.45 -3.79
CA VAL A 264 -15.72 30.34 -3.77
C VAL A 264 -16.30 31.63 -4.34
N GLY A 265 -17.35 31.51 -5.14
CA GLY A 265 -18.07 32.66 -5.66
C GLY A 265 -19.22 32.22 -6.55
N ALA A 266 -19.90 33.17 -7.20
CA ALA A 266 -21.10 32.81 -7.99
C ALA A 266 -20.74 32.14 -9.31
N ASP A 267 -19.56 32.45 -9.82
CA ASP A 267 -19.15 31.94 -11.14
C ASP A 267 -18.43 30.56 -11.07
N VAL A 268 -18.48 29.88 -9.92
CA VAL A 268 -17.88 28.50 -9.79
C VAL A 268 -18.92 27.50 -9.26
N PRO A 269 -18.67 26.17 -9.43
CA PRO A 269 -19.62 25.25 -8.81
C PRO A 269 -19.56 25.36 -7.31
N GLU A 270 -20.61 24.93 -6.64
CA GLU A 270 -20.55 24.70 -5.22
C GLU A 270 -19.45 23.72 -4.89
N LEU A 271 -18.73 23.91 -3.78
CA LEU A 271 -17.64 23.04 -3.43
C LEU A 271 -17.90 22.27 -2.19
N ILE A 272 -17.64 20.96 -2.29
CA ILE A 272 -17.88 20.06 -1.19
C ILE A 272 -16.49 19.60 -0.75
N LEU A 273 -16.10 20.08 0.44
CA LEU A 273 -14.77 19.91 0.87
C LEU A 273 -14.65 18.53 1.48
N THR A 274 -13.78 17.71 0.91
CA THR A 274 -13.82 16.30 1.15
C THR A 274 -12.58 15.75 1.86
N THR A 275 -12.85 15.00 2.92
CA THR A 275 -11.83 14.40 3.75
C THR A 275 -12.10 12.92 3.99
N TYR A 276 -11.04 12.15 4.19
CA TYR A 276 -11.16 10.70 4.38
C TYR A 276 -9.93 10.11 5.01
N PHE A 277 -10.12 8.91 5.55
CA PHE A 277 -9.07 8.08 6.15
C PHE A 277 -8.72 8.43 7.62
N GLY A 278 -9.37 9.44 8.21
CA GLY A 278 -8.91 9.96 9.50
C GLY A 278 -9.80 11.00 10.13
N ASP A 279 -9.26 11.59 11.18
CA ASP A 279 -9.98 12.44 12.12
C ASP A 279 -9.58 13.85 11.79
N VAL A 280 -10.56 14.71 11.46
CA VAL A 280 -10.29 16.10 11.26
C VAL A 280 -10.40 16.99 12.51
N ARG A 281 -10.85 16.44 13.63
CA ARG A 281 -11.17 17.26 14.76
C ARG A 281 -10.08 18.24 15.20
N PRO A 282 -8.81 17.82 15.31
CA PRO A 282 -7.74 18.74 15.73
C PRO A 282 -7.58 19.92 14.78
N ASN A 283 -8.07 19.82 13.56
CA ASN A 283 -7.97 20.90 12.60
C ASN A 283 -9.30 21.62 12.39
N LEU A 284 -10.25 21.38 13.30
CA LEU A 284 -11.61 21.94 13.14
C LEU A 284 -11.60 23.42 13.04
N LYS A 285 -10.74 24.08 13.80
CA LYS A 285 -10.64 25.55 13.72
C LYS A 285 -10.36 26.03 12.30
N ALA A 286 -9.60 25.26 11.52
CA ALA A 286 -9.15 25.67 10.16
C ALA A 286 -10.31 25.68 9.14
N ILE A 287 -11.35 24.94 9.43
CA ILE A 287 -12.45 24.85 8.48
C ILE A 287 -13.78 25.32 8.99
N GLU A 288 -13.85 25.77 10.24
CA GLU A 288 -15.17 26.07 10.82
C GLU A 288 -15.75 27.36 10.24
N ASN A 289 -14.95 28.18 9.58
CA ASN A 289 -15.50 29.38 8.95
C ASN A 289 -15.20 29.55 7.43
N LEU A 290 -15.51 28.51 6.69
CA LEU A 290 -15.18 28.47 5.29
C LEU A 290 -16.43 28.62 4.50
N PRO A 291 -16.32 29.29 3.34
CA PRO A 291 -17.45 29.64 2.52
C PRO A 291 -17.99 28.48 1.59
N VAL A 292 -17.49 27.28 1.80
CA VAL A 292 -17.83 26.14 0.95
C VAL A 292 -19.29 25.68 1.15
N ALA A 293 -19.80 24.93 0.18
CA ALA A 293 -21.17 24.48 0.24
C ALA A 293 -21.34 23.26 1.13
N GLY A 294 -20.27 22.56 1.47
CA GLY A 294 -20.48 21.39 2.31
C GLY A 294 -19.20 20.67 2.57
N PHE A 295 -19.32 19.58 3.31
CA PHE A 295 -18.18 18.83 3.78
C PHE A 295 -18.45 17.31 3.66
N HIS A 296 -17.38 16.51 3.50
CA HIS A 296 -17.46 15.06 3.61
C HIS A 296 -16.45 14.57 4.63
N PHE A 297 -16.91 13.70 5.49
CA PHE A 297 -16.16 13.05 6.49
C PHE A 297 -16.34 11.55 6.47
N ASP A 298 -15.29 10.89 6.96
CA ASP A 298 -15.13 9.45 6.96
C ASP A 298 -15.56 8.96 8.31
N PHE A 299 -16.78 8.43 8.36
CA PHE A 299 -17.36 7.90 9.57
C PHE A 299 -17.27 6.38 9.69
N VAL A 300 -16.61 5.73 8.74
CA VAL A 300 -16.18 4.37 8.83
C VAL A 300 -14.88 4.29 9.62
N ARG A 301 -13.83 5.00 9.21
CA ARG A 301 -12.62 5.04 10.06
C ARG A 301 -12.84 5.77 11.43
N VAL A 302 -13.59 6.87 11.43
CA VAL A 302 -13.79 7.69 12.64
C VAL A 302 -15.25 8.08 12.84
N PRO A 303 -16.14 7.10 13.10
CA PRO A 303 -17.49 7.51 13.43
C PRO A 303 -17.60 8.47 14.61
N GLU A 304 -16.71 8.33 15.58
CA GLU A 304 -16.82 9.14 16.80
C GLU A 304 -16.57 10.66 16.56
N GLN A 305 -15.97 11.04 15.44
CA GLN A 305 -15.86 12.48 15.18
C GLN A 305 -17.18 13.18 14.79
N LEU A 306 -18.26 12.42 14.52
CA LEU A 306 -19.51 13.04 14.02
C LEU A 306 -20.08 14.22 14.83
N ASP A 307 -20.29 14.07 16.14
CA ASP A 307 -20.89 15.17 16.91
C ASP A 307 -20.14 16.50 16.66
N GLU A 308 -18.82 16.49 16.84
CA GLU A 308 -18.07 17.73 16.69
C GLU A 308 -17.95 18.31 15.30
N VAL A 309 -17.79 17.46 14.31
CA VAL A 309 -17.73 18.00 12.93
C VAL A 309 -19.08 18.51 12.47
N ALA A 310 -20.15 17.78 12.80
CA ALA A 310 -21.52 18.22 12.51
C ALA A 310 -21.79 19.57 13.14
N SER A 311 -21.23 19.84 14.32
CA SER A 311 -21.53 21.05 15.02
C SER A 311 -20.95 22.28 14.35
N ILE A 312 -19.95 22.15 13.50
CA ILE A 312 -19.43 23.35 12.89
C ILE A 312 -20.07 23.69 11.54
N LEU A 313 -21.06 22.92 11.13
CA LEU A 313 -21.77 23.25 9.91
C LEU A 313 -22.62 24.51 10.06
N LYS A 314 -22.41 25.43 9.15
CA LYS A 314 -23.24 26.58 8.99
C LYS A 314 -24.56 26.21 8.39
N ASP A 315 -25.49 27.15 8.54
CA ASP A 315 -26.80 27.10 7.94
C ASP A 315 -26.65 27.06 6.40
N GLY A 316 -27.25 26.08 5.75
CA GLY A 316 -27.03 25.93 4.32
C GLY A 316 -25.94 24.93 3.95
N GLN A 317 -24.97 24.63 4.81
CA GLN A 317 -23.92 23.69 4.43
C GLN A 317 -24.39 22.24 4.47
N THR A 318 -23.92 21.43 3.52
CA THR A 318 -24.27 19.98 3.57
C THR A 318 -23.20 19.10 4.22
N LEU A 319 -23.65 17.97 4.74
CA LEU A 319 -22.80 17.00 5.40
C LEU A 319 -22.86 15.73 4.66
N SER A 320 -21.76 15.37 4.00
CA SER A 320 -21.70 14.10 3.31
C SER A 320 -21.15 13.08 4.28
N ALA A 321 -21.98 12.08 4.61
CA ALA A 321 -21.62 11.09 5.62
C ALA A 321 -21.04 9.80 5.01
N GLY A 322 -19.73 9.64 5.18
CA GLY A 322 -19.01 8.52 4.62
C GLY A 322 -19.27 7.28 5.45
N VAL A 323 -20.20 6.42 5.00
CA VAL A 323 -20.59 5.24 5.83
C VAL A 323 -20.47 3.90 5.11
N VAL A 324 -19.97 3.88 3.87
CA VAL A 324 -19.72 2.66 3.13
C VAL A 324 -18.22 2.67 2.76
N ASP A 325 -17.49 1.71 3.30
CA ASP A 325 -16.05 1.71 3.32
C ASP A 325 -15.51 1.55 1.89
N GLY A 326 -14.63 2.48 1.50
CA GLY A 326 -14.04 2.53 0.15
C GLY A 326 -12.79 1.72 0.05
N ARG A 327 -12.35 1.16 1.18
CA ARG A 327 -11.02 0.49 1.25
C ARG A 327 -11.07 -0.96 1.73
N ASN A 328 -12.23 -1.51 1.87
CA ASN A 328 -12.31 -2.88 2.26
C ASN A 328 -13.51 -3.54 1.59
N ILE A 329 -13.66 -4.84 1.78
CA ILE A 329 -14.48 -5.68 0.92
C ILE A 329 -15.67 -6.30 1.65
N TRP A 330 -15.94 -5.84 2.86
CA TRP A 330 -17.05 -6.34 3.68
C TRP A 330 -18.39 -5.67 3.40
N LYS A 331 -19.39 -6.52 3.34
CA LYS A 331 -20.76 -6.10 3.14
C LYS A 331 -21.04 -5.19 4.28
N THR A 332 -21.64 -4.06 3.99
CA THR A 332 -21.88 -3.05 5.01
C THR A 332 -23.06 -3.49 5.91
N ASP A 333 -22.99 -3.15 7.20
CA ASP A 333 -24.11 -3.39 8.14
C ASP A 333 -25.09 -2.24 7.93
N PHE A 334 -26.20 -2.51 7.25
CA PHE A 334 -27.13 -1.41 6.89
C PHE A 334 -27.74 -0.76 8.12
N ALA A 335 -27.96 -1.54 9.18
CA ALA A 335 -28.57 -0.95 10.41
C ALA A 335 -27.60 -0.01 11.12
N LYS A 336 -26.35 -0.43 11.30
CA LYS A 336 -25.34 0.44 11.87
C LYS A 336 -25.02 1.68 11.00
N ALA A 337 -24.94 1.50 9.69
CA ALA A 337 -24.65 2.64 8.81
C ALA A 337 -25.76 3.66 8.85
N SER A 338 -26.99 3.16 8.80
CA SER A 338 -28.16 4.03 8.80
C SER A 338 -28.23 4.83 10.07
N ALA A 339 -27.85 4.20 11.18
CA ALA A 339 -27.77 4.87 12.49
C ALA A 339 -26.81 6.03 12.50
N VAL A 340 -25.67 5.83 11.85
CA VAL A 340 -24.69 6.91 11.76
C VAL A 340 -25.34 8.02 10.98
N VAL A 341 -25.93 7.70 9.83
CA VAL A 341 -26.51 8.73 8.97
C VAL A 341 -27.66 9.46 9.72
N GLN A 342 -28.42 8.68 10.46
CA GLN A 342 -29.52 9.22 11.26
C GLN A 342 -29.02 10.18 12.39
N LYS A 343 -27.86 9.88 12.98
CA LYS A 343 -27.26 10.84 13.91
C LYS A 343 -26.92 12.15 13.25
N ALA A 344 -26.51 12.10 11.98
CA ALA A 344 -26.18 13.30 11.24
C ALA A 344 -27.45 14.06 10.92
N ILE A 345 -28.47 13.37 10.47
CA ILE A 345 -29.76 14.01 10.19
C ILE A 345 -30.31 14.74 11.43
N GLU A 346 -30.25 14.08 12.57
CA GLU A 346 -30.68 14.71 13.82
C GLU A 346 -29.98 16.06 13.98
N LYS A 347 -28.65 16.08 13.91
CA LYS A 347 -27.87 17.28 14.11
C LYS A 347 -28.06 18.36 13.07
N VAL A 348 -28.17 18.04 11.80
CA VAL A 348 -28.25 19.12 10.79
C VAL A 348 -29.49 19.16 9.90
N GLY A 349 -30.38 18.18 10.06
CA GLY A 349 -31.55 18.08 9.20
C GLY A 349 -31.39 17.23 7.96
N LYS A 350 -32.47 16.54 7.62
CA LYS A 350 -32.46 15.54 6.55
C LYS A 350 -32.12 16.10 5.17
N ASP A 351 -32.60 17.30 4.90
CA ASP A 351 -32.29 17.96 3.67
C ASP A 351 -30.78 18.29 3.49
N LYS A 352 -30.01 18.30 4.57
CA LYS A 352 -28.60 18.70 4.49
C LYS A 352 -27.61 17.50 4.61
N VAL A 353 -28.15 16.28 4.50
CA VAL A 353 -27.34 15.08 4.64
C VAL A 353 -27.30 14.26 3.37
N VAL A 354 -26.14 13.66 3.10
CA VAL A 354 -25.87 12.83 1.91
C VAL A 354 -25.24 11.55 2.39
N VAL A 355 -25.70 10.42 1.89
CA VAL A 355 -25.12 9.11 2.20
C VAL A 355 -24.00 8.78 1.19
N ALA A 356 -22.76 8.59 1.65
CA ALA A 356 -21.62 8.47 0.79
C ALA A 356 -20.73 7.28 1.10
N THR A 357 -19.97 6.85 0.08
CA THR A 357 -18.82 6.03 0.30
C THR A 357 -17.84 6.78 1.22
N SER A 358 -17.11 6.08 2.07
CA SER A 358 -16.21 6.80 3.04
C SER A 358 -15.03 7.52 2.36
N SER A 359 -14.57 6.89 1.28
CA SER A 359 -13.55 7.40 0.39
C SER A 359 -13.89 6.92 -1.02
N SER A 360 -13.02 7.23 -1.96
CA SER A 360 -13.11 6.63 -3.29
C SER A 360 -13.05 5.13 -3.25
N LEU A 361 -13.77 4.50 -4.16
CA LEU A 361 -13.76 3.07 -4.29
C LEU A 361 -12.58 2.56 -5.13
N LEU A 362 -11.69 3.48 -5.51
CA LEU A 362 -10.35 3.16 -6.04
C LEU A 362 -9.67 2.04 -5.30
N HIS A 363 -9.93 1.92 -3.99
CA HIS A 363 -9.24 0.97 -3.12
C HIS A 363 -9.95 -0.33 -2.92
N THR A 364 -10.94 -0.63 -3.73
CA THR A 364 -11.67 -1.89 -3.55
C THR A 364 -11.78 -2.55 -4.91
N PRO A 365 -11.97 -3.89 -4.97
CA PRO A 365 -12.05 -4.47 -6.34
C PRO A 365 -13.36 -4.11 -7.05
N VAL A 366 -13.40 -4.40 -8.34
CA VAL A 366 -14.46 -3.89 -9.18
C VAL A 366 -15.76 -4.55 -8.96
N ASP A 367 -15.77 -5.89 -8.95
CA ASP A 367 -17.06 -6.63 -8.97
C ASP A 367 -17.00 -8.00 -8.35
N LEU A 368 -17.77 -8.22 -7.29
CA LEU A 368 -17.87 -9.52 -6.61
C LEU A 368 -18.49 -10.58 -7.54
N GLU A 369 -19.26 -10.14 -8.54
CA GLU A 369 -19.96 -11.09 -9.42
C GLU A 369 -19.00 -11.85 -10.29
N SER A 370 -17.75 -11.39 -10.44
CA SER A 370 -16.74 -12.11 -11.18
C SER A 370 -16.16 -13.29 -10.40
N GLU A 371 -16.41 -13.37 -9.11
CA GLU A 371 -15.83 -14.43 -8.32
C GLU A 371 -16.56 -15.78 -8.61
N THR A 372 -15.81 -16.82 -8.98
CA THR A 372 -16.39 -18.10 -9.37
C THR A 372 -16.08 -19.25 -8.39
N LYS A 373 -15.12 -19.07 -7.47
CA LYS A 373 -14.63 -20.15 -6.63
C LYS A 373 -15.05 -20.05 -5.19
N LEU A 374 -15.28 -18.82 -4.69
CA LEU A 374 -15.62 -18.67 -3.30
C LEU A 374 -16.91 -19.40 -2.99
N ASP A 375 -16.90 -20.12 -1.88
CA ASP A 375 -18.10 -20.68 -1.31
C ASP A 375 -19.15 -19.59 -1.07
N ALA A 376 -20.42 -19.91 -1.31
CA ALA A 376 -21.48 -18.91 -1.21
C ALA A 376 -21.73 -18.34 0.18
N VAL A 377 -21.49 -19.14 1.23
CA VAL A 377 -21.55 -18.65 2.60
C VAL A 377 -20.58 -17.42 2.81
N ILE A 378 -19.34 -17.50 2.33
CA ILE A 378 -18.35 -16.44 2.51
C ILE A 378 -18.60 -15.22 1.61
N LYS A 379 -18.93 -15.47 0.35
CA LYS A 379 -19.29 -14.42 -0.61
C LYS A 379 -20.43 -13.55 -0.14
N ASP A 380 -21.39 -14.16 0.57
CA ASP A 380 -22.48 -13.43 1.16
C ASP A 380 -21.99 -12.39 2.20
N TRP A 381 -20.74 -12.46 2.65
CA TRP A 381 -20.22 -11.48 3.61
C TRP A 381 -19.52 -10.27 2.94
N PHE A 382 -19.33 -10.38 1.61
CA PHE A 382 -18.58 -9.42 0.84
C PHE A 382 -19.48 -8.53 0.03
N SER A 383 -18.94 -7.34 -0.30
CA SER A 383 -19.40 -6.39 -1.28
C SER A 383 -18.13 -5.73 -1.87
N PHE A 384 -17.97 -5.81 -3.20
CA PHE A 384 -16.93 -5.08 -3.91
C PHE A 384 -17.53 -3.76 -4.48
N ALA A 385 -16.78 -3.07 -5.34
CA ALA A 385 -17.12 -1.69 -5.70
C ALA A 385 -18.52 -1.60 -6.30
N THR A 386 -18.79 -2.46 -7.29
CA THR A 386 -20.11 -2.55 -7.89
C THR A 386 -21.25 -2.76 -6.90
N GLN A 387 -21.02 -3.56 -5.87
CA GLN A 387 -22.04 -3.79 -4.91
C GLN A 387 -22.20 -2.60 -3.94
N LYS A 388 -21.12 -1.88 -3.67
CA LYS A 388 -21.19 -0.78 -2.74
C LYS A 388 -22.04 0.33 -3.34
N LEU A 389 -22.17 0.34 -4.66
CA LEU A 389 -23.09 1.28 -5.32
C LEU A 389 -24.50 1.05 -4.82
N ASP A 390 -24.85 -0.22 -4.68
CA ASP A 390 -26.19 -0.64 -4.26
C ASP A 390 -26.39 -0.35 -2.82
N GLU A 391 -25.29 -0.45 -2.05
CA GLU A 391 -25.39 -0.23 -0.63
C GLU A 391 -25.68 1.25 -0.32
N VAL A 392 -24.95 2.20 -0.92
CA VAL A 392 -25.23 3.59 -0.63
C VAL A 392 -26.67 3.98 -1.05
N VAL A 393 -27.14 3.44 -2.16
CA VAL A 393 -28.54 3.66 -2.60
C VAL A 393 -29.61 3.13 -1.61
N VAL A 394 -29.49 1.88 -1.14
CA VAL A 394 -30.41 1.30 -0.18
C VAL A 394 -30.38 2.08 1.12
N ILE A 395 -29.18 2.40 1.66
CA ILE A 395 -29.08 3.16 2.88
C ILE A 395 -29.76 4.52 2.69
N ALA A 396 -29.50 5.16 1.55
CA ALA A 396 -30.18 6.41 1.29
C ALA A 396 -31.71 6.27 1.29
N LYS A 397 -32.26 5.28 0.58
CA LYS A 397 -33.71 5.07 0.54
C LYS A 397 -34.26 4.86 1.95
N ASN A 398 -33.55 4.05 2.74
CA ASN A 398 -33.94 3.70 4.09
C ASN A 398 -34.14 4.95 4.94
N VAL A 399 -33.21 5.89 4.93
CA VAL A 399 -33.39 7.03 5.88
C VAL A 399 -34.29 8.06 5.29
N SER A 400 -34.62 7.94 3.99
CA SER A 400 -35.60 8.83 3.38
C SER A 400 -37.01 8.30 3.61
N GLY A 401 -37.19 7.09 4.14
CA GLY A 401 -38.52 6.57 4.46
C GLY A 401 -39.19 5.67 3.41
N GLU A 402 -38.47 5.38 2.30
CA GLU A 402 -38.90 4.32 1.38
C GLU A 402 -38.85 2.95 2.03
N ASP A 403 -39.72 2.04 1.58
CA ASP A 403 -39.78 0.70 2.14
C ASP A 403 -38.64 -0.12 1.57
N VAL A 404 -37.68 -0.53 2.40
CA VAL A 404 -36.60 -1.45 1.94
C VAL A 404 -36.38 -2.57 2.91
N SER A 405 -37.45 -2.97 3.60
CA SER A 405 -37.35 -4.00 4.65
C SER A 405 -36.77 -5.31 4.12
N LYS A 406 -37.08 -5.69 2.89
CA LYS A 406 -36.58 -6.95 2.33
C LYS A 406 -35.03 -6.90 2.25
N GLN A 407 -34.51 -5.80 1.70
CA GLN A 407 -33.06 -5.53 1.70
C GLN A 407 -32.44 -5.46 3.08
N LEU A 408 -33.11 -4.83 4.04
CA LEU A 408 -32.60 -4.71 5.40
C LEU A 408 -32.51 -6.08 6.03
N GLU A 409 -33.56 -6.89 5.85
CA GLU A 409 -33.62 -8.23 6.47
C GLU A 409 -32.61 -9.17 5.81
N ALA A 410 -32.52 -9.13 4.51
CA ALA A 410 -31.47 -9.87 3.82
C ALA A 410 -30.07 -9.43 4.37
N ASN A 411 -29.90 -8.15 4.62
CA ASN A 411 -28.61 -7.65 5.09
C ASN A 411 -28.32 -8.10 6.51
N ALA A 412 -29.29 -7.94 7.39
CA ALA A 412 -29.22 -8.42 8.76
C ALA A 412 -28.87 -9.92 8.89
N ALA A 413 -29.41 -10.74 8.00
CA ALA A 413 -29.11 -12.16 7.99
C ALA A 413 -27.65 -12.44 7.59
N SER A 414 -27.15 -11.71 6.59
CA SER A 414 -25.76 -11.86 6.19
C SER A 414 -24.82 -11.51 7.31
N ILE A 415 -25.10 -10.41 7.96
CA ILE A 415 -24.27 -9.95 9.05
C ILE A 415 -24.29 -10.96 10.23
N LYS A 416 -25.48 -11.42 10.56
CA LYS A 416 -25.69 -12.41 11.63
C LYS A 416 -24.99 -13.75 11.30
N ALA A 417 -25.07 -14.21 10.05
CA ALA A 417 -24.38 -15.44 9.68
C ALA A 417 -22.89 -15.31 9.84
N ARG A 418 -22.34 -14.12 9.54
CA ARG A 418 -20.91 -13.92 9.61
C ARG A 418 -20.46 -13.91 11.06
N SER A 419 -21.17 -13.19 11.93
CA SER A 419 -20.76 -13.07 13.35
C SER A 419 -20.89 -14.40 14.12
N GLU A 420 -21.81 -15.26 13.69
CA GLU A 420 -21.95 -16.56 14.32
C GLU A 420 -21.11 -17.68 13.71
N SER A 421 -20.45 -17.44 12.58
CA SER A 421 -19.78 -18.54 11.87
C SER A 421 -18.56 -19.06 12.67
N SER A 422 -18.34 -20.36 12.64
CA SER A 422 -17.18 -20.92 13.33
C SER A 422 -15.90 -20.35 12.71
N ILE A 423 -15.95 -20.08 11.40
CA ILE A 423 -14.86 -19.38 10.70
C ILE A 423 -14.45 -18.12 11.44
N THR A 424 -15.39 -17.30 11.91
CA THR A 424 -14.93 -16.09 12.53
C THR A 424 -14.40 -16.37 13.93
N ASN A 425 -15.01 -17.30 14.64
CA ASN A 425 -14.65 -17.60 16.03
C ASN A 425 -14.00 -18.97 16.28
N ASP A 426 -12.68 -19.03 16.36
CA ASP A 426 -11.97 -20.27 16.60
C ASP A 426 -11.58 -20.26 18.08
N PRO A 427 -12.15 -21.20 18.87
CA PRO A 427 -11.87 -21.28 20.31
C PRO A 427 -10.41 -21.46 20.66
N LYS A 428 -9.71 -22.35 19.96
CA LYS A 428 -8.30 -22.57 20.17
C LYS A 428 -7.47 -21.27 20.01
N VAL A 429 -7.82 -20.49 18.99
CA VAL A 429 -7.05 -19.29 18.70
C VAL A 429 -7.35 -18.28 19.79
N GLN A 430 -8.61 -18.16 20.17
CA GLN A 430 -8.99 -17.22 21.24
C GLN A 430 -8.28 -17.49 22.55
N GLU A 431 -8.11 -18.76 22.89
CA GLU A 431 -7.40 -19.13 24.09
C GLU A 431 -5.92 -18.83 23.95
N ARG A 432 -5.37 -19.10 22.78
CA ARG A 432 -3.95 -18.87 22.62
C ARG A 432 -3.62 -17.39 22.66
N LEU A 433 -4.53 -16.55 22.22
CA LEU A 433 -4.36 -15.12 22.46
C LEU A 433 -4.22 -14.76 23.95
N THR A 434 -4.92 -15.47 24.83
CA THR A 434 -4.84 -15.21 26.28
C THR A 434 -3.45 -15.49 26.86
N THR A 435 -2.63 -16.27 26.18
CA THR A 435 -1.23 -16.49 26.59
C THR A 435 -0.27 -15.35 26.19
N ILE A 436 -0.73 -14.43 25.37
CA ILE A 436 0.19 -13.36 25.00
C ILE A 436 0.56 -12.45 26.18
N ASN A 437 1.85 -12.34 26.41
CA ASN A 437 2.39 -11.50 27.45
C ASN A 437 3.84 -11.11 27.05
N GLU A 438 4.49 -10.21 27.78
CA GLU A 438 5.83 -9.78 27.42
C GLU A 438 6.89 -10.90 27.49
N ALA A 439 6.64 -11.90 28.32
CA ALA A 439 7.54 -13.05 28.38
C ALA A 439 7.56 -13.85 27.06
N LEU A 440 6.39 -13.97 26.45
CA LEU A 440 6.28 -14.67 25.17
C LEU A 440 6.97 -13.86 24.05
N ALA A 441 7.12 -12.55 24.26
CA ALA A 441 7.73 -11.67 23.30
C ALA A 441 9.12 -11.24 23.73
N THR A 442 9.82 -12.11 24.45
CA THR A 442 11.20 -11.84 24.84
C THR A 442 12.02 -13.12 24.62
N ARG A 443 13.23 -12.96 24.10
CA ARG A 443 14.16 -14.05 23.88
C ARG A 443 14.75 -14.48 25.22
N LYS A 444 15.17 -15.74 25.35
CA LYS A 444 15.79 -16.29 26.57
C LYS A 444 16.91 -15.42 27.18
N ALA A 445 17.71 -14.75 26.33
CA ALA A 445 18.76 -13.82 26.77
C ALA A 445 18.90 -12.65 25.80
N ALA A 446 19.56 -11.57 26.25
CA ALA A 446 19.80 -10.40 25.41
C ALA A 446 20.91 -10.61 24.39
N PHE A 447 20.91 -9.76 23.36
CA PHE A 447 21.79 -9.93 22.22
C PHE A 447 23.23 -10.25 22.54
N PRO A 448 23.82 -9.53 23.54
CA PRO A 448 25.26 -9.74 23.73
C PRO A 448 25.62 -11.17 24.18
N GLU A 449 24.82 -11.78 25.05
N GLU A 449 24.79 -11.76 25.01
CA GLU A 449 24.96 -13.20 25.39
CA GLU A 449 24.98 -13.12 25.42
C GLU A 449 24.71 -14.03 24.12
C GLU A 449 24.54 -14.11 24.29
N ARG A 450 23.68 -13.66 23.37
CA ARG A 450 23.29 -14.47 22.21
C ARG A 450 24.41 -14.47 21.20
N LEU A 451 25.04 -13.32 21.03
CA LEU A 451 26.10 -13.19 20.04
C LEU A 451 27.23 -14.18 20.34
N THR A 452 27.59 -14.29 21.62
CA THR A 452 28.60 -15.24 22.08
C THR A 452 28.30 -16.65 21.58
N GLU A 453 27.07 -17.12 21.80
CA GLU A 453 26.71 -18.45 21.38
C GLU A 453 26.60 -18.58 19.86
N GLN A 454 26.23 -17.54 19.17
CA GLN A 454 26.16 -17.57 17.69
C GLN A 454 27.57 -17.60 17.04
N LYS A 455 28.49 -16.80 17.55
CA LYS A 455 29.92 -16.88 17.16
C LYS A 455 30.46 -18.28 17.29
N ALA A 456 30.33 -18.87 18.47
CA ALA A 456 30.71 -20.30 18.65
C ALA A 456 30.11 -21.24 17.61
N LYS A 457 28.86 -21.03 17.25
CA LYS A 457 28.19 -22.02 16.45
C LYS A 457 28.41 -21.79 14.99
N TYR A 458 28.36 -20.55 14.51
CA TYR A 458 28.55 -20.30 13.05
C TYR A 458 29.97 -19.82 12.68
N ASN A 459 30.62 -19.12 13.59
CA ASN A 459 31.95 -18.59 13.38
C ASN A 459 32.05 -17.79 12.09
N LEU A 460 31.11 -16.89 11.90
CA LEU A 460 31.10 -16.10 10.71
C LEU A 460 32.31 -15.12 10.66
N PRO A 461 32.87 -14.89 9.49
CA PRO A 461 33.94 -13.89 9.40
C PRO A 461 33.44 -12.48 9.61
N LEU A 462 34.35 -11.55 9.89
CA LEU A 462 33.99 -10.15 9.76
C LEU A 462 33.47 -9.86 8.33
N PHE A 463 32.61 -8.85 8.22
CA PHE A 463 31.99 -8.53 6.96
C PHE A 463 31.35 -9.75 6.34
N PRO A 464 30.54 -10.45 7.16
CA PRO A 464 29.88 -11.59 6.55
C PRO A 464 29.00 -11.16 5.39
N THR A 465 28.90 -12.01 4.38
CA THR A 465 28.07 -11.66 3.20
C THR A 465 26.80 -12.51 3.09
N THR A 466 25.70 -11.85 2.82
CA THR A 466 24.47 -12.58 2.56
C THR A 466 23.67 -11.91 1.45
N THR A 467 22.53 -12.48 1.10
CA THR A 467 21.54 -11.86 0.24
C THR A 467 20.16 -11.98 0.92
N ILE A 468 19.10 -11.44 0.30
CA ILE A 468 17.85 -11.21 0.98
C ILE A 468 16.85 -12.32 0.79
N GLY A 469 17.04 -13.15 -0.21
CA GLY A 469 16.24 -14.35 -0.35
C GLY A 469 15.96 -14.80 -1.77
N SER A 470 15.43 -13.90 -2.62
CA SER A 470 14.95 -14.31 -3.92
C SER A 470 16.03 -14.20 -5.03
N PHE A 471 16.02 -15.17 -5.93
CA PHE A 471 16.88 -15.18 -7.13
C PHE A 471 15.96 -15.35 -8.36
N PRO A 472 16.43 -15.01 -9.58
CA PRO A 472 15.53 -14.98 -10.74
C PRO A 472 15.17 -16.36 -11.30
N GLN A 473 13.91 -16.55 -11.71
CA GLN A 473 13.32 -17.89 -12.02
C GLN A 473 13.38 -18.26 -13.49
N THR A 474 13.25 -19.56 -13.76
CA THR A 474 13.23 -20.11 -15.14
C THR A 474 11.82 -20.25 -15.71
N LYS A 475 11.79 -20.41 -17.04
CA LYS A 475 10.59 -20.75 -17.81
C LYS A 475 10.05 -22.09 -17.35
N ASP A 476 10.93 -23.09 -17.25
CA ASP A 476 10.53 -24.47 -16.88
C ASP A 476 9.79 -24.54 -15.52
N ILE A 477 10.10 -23.58 -14.64
CA ILE A 477 9.41 -23.35 -13.38
C ILE A 477 7.91 -23.02 -13.56
N ARG A 478 7.61 -21.87 -14.14
CA ARG A 478 6.19 -21.49 -14.35
C ARG A 478 5.37 -22.56 -15.10
N ILE A 479 5.91 -23.08 -16.20
CA ILE A 479 5.25 -24.16 -16.96
C ILE A 479 4.96 -25.36 -16.05
N ASN A 480 5.94 -25.78 -15.24
CA ASN A 480 5.73 -26.91 -14.36
C ASN A 480 4.71 -26.63 -13.25
N ARG A 481 4.63 -25.39 -12.77
CA ARG A 481 3.61 -24.99 -11.80
C ARG A 481 2.22 -25.17 -12.40
N ASN A 482 2.09 -24.75 -13.64
CA ASN A 482 0.84 -24.75 -14.34
C ASN A 482 0.42 -26.21 -14.53
N LYS A 483 1.37 -27.02 -14.97
CA LYS A 483 1.15 -28.46 -15.13
C LYS A 483 0.79 -29.14 -13.81
N PHE A 484 1.46 -28.70 -12.74
CA PHE A 484 1.20 -29.24 -11.43
C PHE A 484 -0.23 -28.84 -10.99
N ALA A 485 -0.61 -27.59 -11.21
CA ALA A 485 -1.98 -27.15 -10.90
C ALA A 485 -3.09 -27.93 -11.67
N LYS A 486 -2.74 -28.50 -12.81
CA LYS A 486 -3.72 -29.20 -13.65
C LYS A 486 -3.68 -30.70 -13.36
N GLY A 487 -2.83 -31.11 -12.40
CA GLY A 487 -2.62 -32.53 -12.13
C GLY A 487 -1.86 -33.29 -13.20
N GLN A 488 -1.25 -32.59 -14.15
CA GLN A 488 -0.55 -33.24 -15.29
C GLN A 488 0.83 -33.80 -14.88
N ILE A 489 1.49 -33.19 -13.88
CA ILE A 489 2.67 -33.84 -13.23
C ILE A 489 2.33 -34.07 -11.77
N THR A 490 2.86 -35.13 -11.15
CA THR A 490 2.60 -35.40 -9.71
C THR A 490 3.37 -34.45 -8.76
N ALA A 491 2.91 -34.43 -7.51
CA ALA A 491 3.60 -33.76 -6.40
C ALA A 491 5.10 -34.07 -6.40
N GLU A 492 5.47 -35.34 -6.55
CA GLU A 492 6.88 -35.73 -6.56
C GLU A 492 7.61 -35.14 -7.78
N GLU A 493 6.97 -35.09 -8.95
CA GLU A 493 7.64 -34.57 -10.14
C GLU A 493 7.93 -33.09 -9.98
N TYR A 494 6.96 -32.37 -9.41
CA TYR A 494 7.10 -30.95 -9.24
C TYR A 494 8.18 -30.60 -8.21
N GLU A 495 8.13 -31.28 -7.06
CA GLU A 495 9.17 -31.19 -6.01
C GLU A 495 10.57 -31.31 -6.62
N ALA A 496 10.80 -32.37 -7.38
CA ALA A 496 12.04 -32.53 -8.14
C ALA A 496 12.45 -31.30 -8.97
N PHE A 497 11.51 -30.64 -9.63
CA PHE A 497 11.86 -29.46 -10.46
C PHE A 497 12.26 -28.28 -9.55
N ILE A 498 11.56 -28.10 -8.43
CA ILE A 498 11.87 -27.02 -7.50
C ILE A 498 13.28 -27.23 -6.93
N ASN A 499 13.52 -28.45 -6.46
CA ASN A 499 14.83 -28.78 -5.90
C ASN A 499 16.00 -28.59 -6.85
N LYS A 500 15.82 -28.87 -8.13
CA LYS A 500 16.84 -28.55 -9.12
C LYS A 500 17.14 -27.05 -9.11
N GLU A 501 16.10 -26.19 -9.15
CA GLU A 501 16.26 -24.74 -9.06
C GLU A 501 17.00 -24.33 -7.79
N ILE A 502 16.54 -24.85 -6.67
CA ILE A 502 17.21 -24.61 -5.40
C ILE A 502 18.66 -25.04 -5.51
N GLU A 503 18.88 -26.26 -6.03
CA GLU A 503 20.27 -26.75 -6.21
C GLU A 503 21.15 -25.76 -6.97
N THR A 504 20.66 -25.30 -8.12
CA THR A 504 21.40 -24.36 -8.95
C THR A 504 21.75 -23.12 -8.15
N VAL A 505 20.75 -22.51 -7.55
CA VAL A 505 20.95 -21.28 -6.74
C VAL A 505 21.97 -21.44 -5.60
N VAL A 506 21.86 -22.52 -4.88
CA VAL A 506 22.81 -22.74 -3.80
C VAL A 506 24.23 -22.91 -4.35
N ARG A 507 24.37 -23.66 -5.45
CA ARG A 507 25.69 -23.89 -5.99
C ARG A 507 26.21 -22.56 -6.51
N PHE A 508 25.36 -21.79 -7.15
CA PHE A 508 25.80 -20.45 -7.53
C PHE A 508 26.43 -19.68 -6.38
N GLN A 509 25.77 -19.69 -5.22
CA GLN A 509 26.13 -18.82 -4.12
C GLN A 509 27.42 -19.28 -3.46
N GLU A 510 27.52 -20.59 -3.20
CA GLU A 510 28.80 -21.24 -2.80
C GLU A 510 30.00 -20.74 -3.63
N GLU A 511 29.92 -20.91 -4.94
CA GLU A 511 31.06 -20.62 -5.79
C GLU A 511 31.42 -19.14 -5.83
N ILE A 512 30.43 -18.25 -5.73
CA ILE A 512 30.67 -16.82 -5.51
C ILE A 512 31.28 -16.52 -4.12
N GLY A 513 31.33 -17.51 -3.22
CA GLY A 513 31.83 -17.33 -1.85
C GLY A 513 30.93 -16.53 -0.88
N LEU A 514 29.61 -16.54 -1.09
CA LEU A 514 28.69 -15.98 -0.04
C LEU A 514 28.76 -16.79 1.28
N ASP A 515 28.59 -16.11 2.40
CA ASP A 515 28.73 -16.74 3.73
C ASP A 515 27.42 -17.32 4.34
N VAL A 516 26.31 -16.57 4.22
CA VAL A 516 24.97 -16.98 4.77
C VAL A 516 24.03 -17.01 3.59
N LEU A 517 23.61 -18.21 3.23
CA LEU A 517 22.96 -18.44 1.96
C LEU A 517 21.43 -18.39 2.09
N VAL A 518 20.77 -18.39 0.92
CA VAL A 518 19.34 -18.43 0.78
C VAL A 518 18.97 -19.51 -0.25
N HIS A 519 17.68 -19.86 -0.35
CA HIS A 519 17.31 -20.93 -1.28
C HIS A 519 16.73 -20.41 -2.57
N GLY A 520 16.58 -19.09 -2.68
CA GLY A 520 16.00 -18.49 -3.87
C GLY A 520 14.48 -18.40 -4.04
N GLU A 521 13.69 -19.01 -3.15
CA GLU A 521 12.24 -18.91 -3.18
C GLU A 521 11.57 -19.24 -4.55
N PRO A 522 12.11 -20.20 -5.35
CA PRO A 522 11.47 -20.50 -6.65
C PRO A 522 10.05 -21.09 -6.53
N GLU A 523 9.76 -21.78 -5.42
CA GLU A 523 8.40 -22.25 -5.13
C GLU A 523 7.37 -21.15 -4.81
N ARG A 524 7.79 -19.89 -4.75
CA ARG A 524 6.89 -18.84 -4.22
C ARG A 524 6.50 -17.85 -5.27
N ASN A 525 5.20 -17.64 -5.34
CA ASN A 525 4.61 -16.73 -6.31
C ASN A 525 4.69 -15.27 -5.85
N ASP A 526 4.53 -15.10 -4.55
CA ASP A 526 4.16 -13.88 -3.91
C ASP A 526 4.45 -14.00 -2.42
N MET A 527 5.00 -12.97 -1.81
CA MET A 527 5.48 -13.16 -0.42
C MET A 527 4.39 -13.12 0.64
N VAL A 528 3.17 -12.74 0.28
CA VAL A 528 2.06 -12.80 1.20
C VAL A 528 1.04 -13.91 0.89
N GLN A 529 0.65 -14.01 -0.36
CA GLN A 529 -0.24 -15.09 -0.77
C GLN A 529 0.36 -16.48 -0.45
N TYR A 530 1.65 -16.63 -0.61
CA TYR A 530 2.26 -17.96 -0.42
C TYR A 530 1.94 -18.49 0.99
N PHE A 531 1.84 -17.58 1.96
CA PHE A 531 1.58 -17.89 3.35
C PHE A 531 0.11 -17.95 3.66
N GLY A 532 -0.63 -16.96 3.17
CA GLY A 532 -2.06 -16.92 3.35
C GLY A 532 -2.75 -18.18 2.90
N GLU A 533 -2.34 -18.72 1.74
CA GLU A 533 -2.87 -19.99 1.25
C GLU A 533 -2.67 -21.16 2.20
N GLN A 534 -1.69 -21.05 3.08
CA GLN A 534 -1.39 -22.14 4.00
C GLN A 534 -1.81 -21.83 5.44
N LEU A 535 -2.62 -20.82 5.64
CA LEU A 535 -3.13 -20.49 6.96
C LEU A 535 -4.63 -20.58 6.96
N ASN A 536 -5.23 -21.07 8.02
CA ASN A 536 -6.67 -20.91 8.18
C ASN A 536 -6.98 -19.48 8.46
N GLY A 537 -8.17 -19.05 8.05
CA GLY A 537 -8.67 -17.72 8.29
C GLY A 537 -8.57 -16.79 7.09
N PHE A 538 -8.04 -17.29 6.00
CA PHE A 538 -7.87 -16.50 4.79
C PHE A 538 -8.84 -16.97 3.70
N ALA A 539 -9.24 -16.09 2.78
CA ALA A 539 -9.91 -16.48 1.54
C ALA A 539 -9.24 -15.72 0.43
N PHE A 540 -9.40 -16.20 -0.79
CA PHE A 540 -8.77 -15.61 -1.98
C PHE A 540 -9.82 -15.39 -3.02
N THR A 541 -9.52 -14.47 -3.93
CA THR A 541 -10.39 -14.10 -5.02
C THR A 541 -9.71 -14.55 -6.29
N THR A 542 -10.48 -14.66 -7.37
CA THR A 542 -10.00 -14.91 -8.74
C THR A 542 -9.73 -13.55 -9.42
N ASN A 543 -10.56 -12.55 -9.07
CA ASN A 543 -10.64 -11.27 -9.80
C ASN A 543 -10.59 -9.99 -8.95
N GLY A 544 -10.16 -10.10 -7.68
CA GLY A 544 -10.32 -9.05 -6.66
C GLY A 544 -9.14 -8.12 -6.73
N TRP A 545 -8.93 -7.55 -7.92
CA TRP A 545 -7.77 -6.73 -8.26
C TRP A 545 -8.00 -5.27 -7.83
N VAL A 546 -6.96 -4.67 -7.28
CA VAL A 546 -6.95 -3.28 -6.86
C VAL A 546 -5.71 -2.61 -7.47
N GLN A 547 -5.80 -1.40 -7.95
CA GLN A 547 -4.61 -0.76 -8.48
C GLN A 547 -3.65 -0.39 -7.31
N SER A 548 -2.36 -0.71 -7.48
CA SER A 548 -1.33 -0.32 -6.53
C SER A 548 -0.62 0.92 -7.05
N TYR A 549 -0.14 0.89 -8.28
CA TYR A 549 0.39 2.08 -8.95
C TYR A 549 0.43 1.85 -10.46
N GLY A 550 0.21 2.91 -11.23
CA GLY A 550 0.17 2.77 -12.69
C GLY A 550 -0.67 1.58 -13.12
N SER A 551 -0.04 0.69 -13.85
CA SER A 551 -0.72 -0.45 -14.34
C SER A 551 -0.38 -1.68 -13.52
N ARG A 552 0.31 -1.52 -12.42
CA ARG A 552 0.61 -2.65 -11.54
C ARG A 552 -0.50 -2.79 -10.53
N TYR A 553 -1.20 -3.93 -10.56
CA TYR A 553 -2.37 -4.22 -9.71
C TYR A 553 -2.04 -5.36 -8.75
N VAL A 554 -2.67 -5.39 -7.57
CA VAL A 554 -2.53 -6.50 -6.61
C VAL A 554 -3.88 -7.14 -6.44
N ARG A 555 -3.87 -8.39 -6.00
CA ARG A 555 -5.10 -9.08 -5.66
C ARG A 555 -4.90 -9.56 -4.23
N PRO A 556 -5.21 -8.74 -3.25
CA PRO A 556 -4.86 -9.09 -1.90
C PRO A 556 -5.64 -10.32 -1.35
N PRO A 557 -5.01 -11.11 -0.45
CA PRO A 557 -5.77 -12.05 0.35
C PRO A 557 -6.74 -11.32 1.20
N ILE A 558 -7.79 -12.02 1.59
CA ILE A 558 -8.73 -11.56 2.58
C ILE A 558 -8.63 -12.36 3.86
N ILE A 559 -8.50 -11.67 4.99
CA ILE A 559 -8.60 -12.28 6.30
C ILE A 559 -10.05 -12.30 6.62
N VAL A 560 -10.60 -13.50 6.72
CA VAL A 560 -12.02 -13.66 7.02
C VAL A 560 -12.31 -14.09 8.43
N GLY A 561 -11.33 -14.68 9.09
CA GLY A 561 -11.57 -15.19 10.44
C GLY A 561 -10.31 -15.39 11.25
N ASP A 562 -10.44 -16.16 12.34
CA ASP A 562 -9.34 -16.43 13.24
C ASP A 562 -8.28 -17.21 12.52
N VAL A 563 -7.06 -16.71 12.60
CA VAL A 563 -5.92 -17.28 11.91
C VAL A 563 -5.20 -18.25 12.78
N SER A 564 -4.82 -19.35 12.13
CA SER A 564 -3.99 -20.37 12.72
C SER A 564 -3.17 -21.03 11.57
N ARG A 565 -2.14 -21.79 11.91
CA ARG A 565 -1.33 -22.54 10.98
C ARG A 565 -1.57 -24.07 11.11
N PRO A 566 -2.14 -24.73 10.10
CA PRO A 566 -2.39 -26.16 10.38
C PRO A 566 -1.16 -27.07 10.29
N LYS A 567 -0.16 -26.68 9.52
CA LYS A 567 1.01 -27.49 9.35
C LYS A 567 2.15 -26.67 8.74
N ALA A 568 3.33 -27.29 8.66
CA ALA A 568 4.53 -26.71 8.12
C ALA A 568 4.31 -26.06 6.76
N MET A 569 4.84 -24.87 6.57
CA MET A 569 4.64 -24.11 5.35
C MET A 569 5.88 -24.02 4.47
N THR A 570 7.06 -24.05 5.06
CA THR A 570 8.28 -23.71 4.35
C THR A 570 9.45 -24.66 4.64
N VAL A 571 9.21 -25.61 5.54
CA VAL A 571 10.24 -26.47 6.09
C VAL A 571 10.91 -27.35 5.03
N LYS A 572 10.11 -28.00 4.16
CA LYS A 572 10.59 -28.93 3.17
C LYS A 572 11.63 -28.28 2.31
N GLU A 573 11.29 -27.15 1.74
CA GLU A 573 12.22 -26.48 0.84
C GLU A 573 13.47 -26.04 1.59
N SER A 574 13.31 -25.47 2.78
CA SER A 574 14.49 -25.05 3.52
C SER A 574 15.37 -26.24 3.91
N VAL A 575 14.78 -27.33 4.35
CA VAL A 575 15.57 -28.52 4.72
C VAL A 575 16.35 -29.06 3.53
N TYR A 576 15.74 -29.05 2.36
CA TYR A 576 16.41 -29.46 1.17
C TYR A 576 17.57 -28.53 0.88
N ALA A 577 17.32 -27.20 0.86
CA ALA A 577 18.41 -26.26 0.60
C ALA A 577 19.61 -26.46 1.56
N GLN A 578 19.36 -26.63 2.85
CA GLN A 578 20.43 -26.77 3.84
C GLN A 578 21.12 -28.11 3.66
N SER A 579 20.39 -29.12 3.23
CA SER A 579 20.97 -30.47 3.13
C SER A 579 22.04 -30.59 2.07
N ILE A 580 22.11 -29.63 1.14
CA ILE A 580 23.11 -29.66 0.05
C ILE A 580 24.30 -28.66 0.17
N THR A 581 24.42 -27.96 1.29
CA THR A 581 25.55 -27.08 1.55
C THR A 581 25.92 -27.12 3.04
N SER A 582 27.17 -26.85 3.32
CA SER A 582 27.58 -26.77 4.72
C SER A 582 27.53 -25.32 5.23
N LYS A 583 27.34 -24.36 4.34
CA LYS A 583 27.06 -23.00 4.75
C LYS A 583 25.70 -22.92 5.54
N PRO A 584 25.55 -21.97 6.44
CA PRO A 584 24.20 -21.73 7.01
C PRO A 584 23.17 -21.19 6.00
N MET A 585 21.97 -21.79 6.01
CA MET A 585 20.84 -21.52 5.12
C MET A 585 19.79 -20.74 5.87
N LYS A 586 19.27 -19.66 5.28
CA LYS A 586 18.25 -18.85 5.91
C LYS A 586 16.93 -19.48 5.63
N GLY A 587 16.19 -19.78 6.69
CA GLY A 587 14.74 -19.82 6.51
C GLY A 587 14.26 -18.40 6.15
N MET A 588 13.07 -18.33 5.53
CA MET A 588 12.53 -17.17 4.91
C MET A 588 11.00 -17.12 5.13
N LEU A 589 10.57 -16.19 5.97
CA LEU A 589 9.18 -16.03 6.31
C LEU A 589 8.84 -14.57 6.08
N THR A 590 7.57 -14.29 5.83
CA THR A 590 7.03 -12.92 5.82
C THR A 590 6.45 -12.65 7.19
N GLY A 591 6.74 -11.50 7.78
CA GLY A 591 6.23 -11.21 9.14
C GLY A 591 4.74 -10.95 9.27
N PRO A 592 4.23 -10.91 10.51
CA PRO A 592 2.81 -10.73 10.70
C PRO A 592 2.20 -9.43 10.27
N VAL A 593 2.93 -8.36 10.41
CA VAL A 593 2.40 -7.04 10.08
C VAL A 593 2.33 -6.84 8.57
N THR A 594 3.36 -7.27 7.85
CA THR A 594 3.29 -7.28 6.37
C THR A 594 2.14 -8.10 5.85
N ILE A 595 1.93 -9.29 6.39
CA ILE A 595 0.81 -10.07 5.92
C ILE A 595 -0.52 -9.36 6.17
N LEU A 596 -0.67 -8.78 7.35
CA LEU A 596 -1.87 -8.02 7.65
C LEU A 596 -2.10 -6.82 6.68
N ARG A 597 -1.08 -5.99 6.56
CA ARG A 597 -1.14 -4.74 5.80
C ARG A 597 -1.32 -4.94 4.28
N TRP A 598 -0.85 -6.09 3.75
CA TRP A 598 -0.98 -6.40 2.32
C TRP A 598 -2.17 -7.33 2.08
N SER A 599 -3.06 -7.50 3.09
CA SER A 599 -4.31 -8.22 2.91
C SER A 599 -5.43 -7.26 3.14
N PHE A 600 -6.64 -7.63 2.78
CA PHE A 600 -7.82 -7.03 3.35
C PHE A 600 -8.07 -7.58 4.72
N PRO A 601 -8.05 -6.69 5.73
CA PRO A 601 -8.20 -7.11 7.08
C PRO A 601 -9.69 -7.34 7.44
N ARG A 602 -9.92 -8.05 8.53
CA ARG A 602 -11.27 -8.13 9.06
C ARG A 602 -11.63 -6.73 9.64
N ASP A 603 -12.89 -6.33 9.51
CA ASP A 603 -13.46 -5.15 10.17
C ASP A 603 -14.22 -5.38 11.46
N ASP A 604 -14.23 -6.61 11.97
CA ASP A 604 -15.00 -6.93 13.18
C ASP A 604 -14.05 -7.07 14.34
N VAL A 605 -12.76 -7.18 14.07
CA VAL A 605 -11.73 -7.17 15.14
C VAL A 605 -10.62 -6.25 14.74
N SER A 606 -9.85 -5.83 15.74
CA SER A 606 -8.74 -4.88 15.54
C SER A 606 -7.58 -5.47 14.71
N GLY A 607 -6.88 -4.56 14.02
CA GLY A 607 -5.54 -4.86 13.39
C GLY A 607 -4.64 -5.63 14.38
N LYS A 608 -4.48 -5.08 15.56
CA LYS A 608 -3.69 -5.70 16.61
C LYS A 608 -4.01 -7.16 16.86
N ILE A 609 -5.27 -7.54 17.03
CA ILE A 609 -5.63 -8.94 17.26
C ILE A 609 -5.27 -9.80 16.07
N GLN A 610 -5.56 -9.32 14.86
CA GLN A 610 -5.13 -10.02 13.64
C GLN A 610 -3.57 -10.23 13.55
N ALA A 611 -2.80 -9.20 13.86
CA ALA A 611 -1.33 -9.37 13.89
C ALA A 611 -0.81 -10.37 14.93
N LEU A 612 -1.38 -10.33 16.11
CA LEU A 612 -0.97 -11.27 17.15
C LEU A 612 -1.35 -12.72 16.78
N GLN A 613 -2.50 -12.92 16.19
CA GLN A 613 -2.85 -14.27 15.78
C GLN A 613 -1.85 -14.69 14.73
N LEU A 614 -1.48 -13.79 13.82
CA LEU A 614 -0.50 -14.11 12.76
C LEU A 614 0.89 -14.40 13.37
N GLY A 615 1.27 -13.61 14.36
CA GLY A 615 2.51 -13.88 15.07
C GLY A 615 2.57 -15.24 15.78
N LEU A 616 1.45 -15.66 16.36
CA LEU A 616 1.40 -16.98 17.00
C LEU A 616 1.53 -18.10 15.97
N ALA A 617 0.91 -17.89 14.82
CA ALA A 617 0.91 -18.86 13.78
C ALA A 617 2.32 -18.95 13.21
N LEU A 618 2.99 -17.80 13.06
CA LEU A 618 4.34 -17.83 12.57
C LEU A 618 5.30 -18.38 13.59
N ARG A 619 4.99 -18.22 14.89
CA ARG A 619 5.88 -18.79 15.94
C ARG A 619 6.01 -20.35 15.81
N ASP A 620 4.91 -21.01 15.44
CA ASP A 620 4.91 -22.49 15.26
C ASP A 620 5.79 -22.83 14.04
N GLU A 621 5.76 -21.97 13.02
CA GLU A 621 6.60 -22.20 11.83
C GLU A 621 8.12 -22.03 12.12
N VAL A 622 8.44 -20.97 12.85
CA VAL A 622 9.79 -20.75 13.37
C VAL A 622 10.23 -21.95 14.21
N ASN A 623 9.34 -22.44 15.04
CA ASN A 623 9.62 -23.61 15.91
C ASN A 623 9.92 -24.86 15.07
N ASP A 624 9.10 -25.12 14.04
CA ASP A 624 9.35 -26.24 13.12
C ASP A 624 10.66 -26.11 12.37
N LEU A 625 10.95 -24.90 11.87
CA LEU A 625 12.26 -24.64 11.21
C LEU A 625 13.46 -24.91 12.12
N GLU A 626 13.45 -24.33 13.30
CA GLU A 626 14.52 -24.53 14.25
C GLU A 626 14.69 -26.05 14.61
N GLY A 627 13.57 -26.72 14.91
CA GLY A 627 13.56 -28.15 15.18
C GLY A 627 14.14 -28.96 14.05
N ALA A 628 13.94 -28.54 12.81
CA ALA A 628 14.48 -29.25 11.64
C ALA A 628 15.96 -28.91 11.29
N GLY A 629 16.64 -28.08 12.11
CA GLY A 629 18.02 -27.67 11.80
C GLY A 629 18.16 -26.37 11.02
N ILE A 630 17.06 -25.67 10.77
CA ILE A 630 17.13 -24.35 10.10
C ILE A 630 17.14 -23.37 11.22
N THR A 631 18.36 -23.03 11.65
CA THR A 631 18.61 -22.23 12.84
C THR A 631 19.13 -20.82 12.55
N VAL A 632 19.08 -20.47 11.29
CA VAL A 632 19.15 -19.06 10.86
C VAL A 632 17.86 -18.78 10.14
N ILE A 633 17.11 -17.79 10.63
CA ILE A 633 15.76 -17.51 10.10
C ILE A 633 15.53 -16.00 9.90
N GLN A 634 15.15 -15.65 8.67
CA GLN A 634 14.78 -14.30 8.31
C GLN A 634 13.26 -14.11 8.20
N VAL A 635 12.82 -13.03 8.84
CA VAL A 635 11.43 -12.60 8.81
C VAL A 635 11.38 -11.22 8.11
N ASP A 636 10.70 -11.19 6.97
CA ASP A 636 10.64 -10.02 6.10
C ASP A 636 9.50 -9.12 6.58
N GLU A 637 9.84 -7.88 6.98
CA GLU A 637 8.80 -6.92 7.38
C GLU A 637 8.85 -5.61 6.61
N PRO A 638 8.77 -5.68 5.27
CA PRO A 638 8.82 -4.43 4.48
C PRO A 638 7.70 -3.42 4.75
N ALA A 639 6.53 -3.86 5.19
CA ALA A 639 5.36 -2.98 5.35
C ALA A 639 5.10 -2.65 6.80
N ILE A 640 6.08 -2.94 7.66
CA ILE A 640 5.93 -2.73 9.07
C ILE A 640 5.58 -1.34 9.55
N ARG A 641 5.85 -0.34 8.73
CA ARG A 641 5.56 1.02 9.04
C ARG A 641 4.33 1.53 8.32
N GLU A 642 3.83 0.76 7.35
CA GLU A 642 2.75 1.26 6.45
C GLU A 642 1.43 1.46 7.15
N GLY A 643 1.20 0.72 8.22
CA GLY A 643 0.09 0.98 9.09
C GLY A 643 0.29 2.08 10.14
N LEU A 644 1.42 2.78 10.14
CA LEU A 644 1.55 3.88 11.13
C LEU A 644 0.29 4.79 11.16
N PRO A 645 -0.35 4.90 12.32
CA PRO A 645 -1.50 5.79 12.39
C PRO A 645 -1.17 7.21 11.94
N LEU A 646 -2.13 7.82 11.27
CA LEU A 646 -1.86 9.04 10.56
C LEU A 646 -1.58 10.27 11.47
N ARG A 647 -1.93 10.18 12.74
CA ARG A 647 -1.66 11.25 13.69
C ARG A 647 -0.84 10.72 14.82
N ALA A 648 -0.01 11.60 15.39
CA ALA A 648 0.72 11.30 16.61
C ALA A 648 -0.28 11.25 17.76
N GLY A 649 0.02 10.39 18.73
CA GLY A 649 -0.87 10.15 19.86
C GLY A 649 -0.86 8.68 20.25
N LYS A 650 -1.93 8.27 20.92
CA LYS A 650 -1.97 7.02 21.61
C LYS A 650 -2.01 5.88 20.63
N GLU A 651 -2.85 6.06 19.63
CA GLU A 651 -3.01 5.06 18.63
C GLU A 651 -1.70 4.77 17.88
N ARG A 652 -0.88 5.80 17.64
CA ARG A 652 0.39 5.66 16.96
C ARG A 652 1.32 4.86 17.85
N SER A 653 1.49 5.29 19.09
CA SER A 653 2.43 4.63 19.99
C SER A 653 1.97 3.20 20.32
N ASP A 654 0.68 2.95 20.43
CA ASP A 654 0.19 1.58 20.58
C ASP A 654 0.56 0.72 19.35
N TYR A 655 0.43 1.31 18.17
CA TYR A 655 0.72 0.59 16.94
C TYR A 655 2.20 0.18 16.91
N LEU A 656 3.08 1.13 17.17
CA LEU A 656 4.52 0.81 17.21
C LEU A 656 4.83 -0.30 18.22
N ASN A 657 4.20 -0.24 19.37
CA ASN A 657 4.28 -1.34 20.34
C ASN A 657 3.71 -2.68 19.88
N TRP A 658 2.47 -2.76 19.41
CA TRP A 658 1.95 -4.05 18.98
C TRP A 658 2.54 -4.64 17.66
N ALA A 659 3.03 -3.78 16.78
CA ALA A 659 3.64 -4.25 15.56
C ALA A 659 4.91 -4.95 15.92
N ALA A 660 5.70 -4.29 16.76
CA ALA A 660 6.91 -4.92 17.26
C ALA A 660 6.64 -6.15 18.13
N GLN A 661 5.61 -6.12 18.99
CA GLN A 661 5.29 -7.31 19.79
C GLN A 661 4.92 -8.52 18.94
N SER A 662 4.22 -8.28 17.86
CA SER A 662 3.72 -9.38 17.03
C SER A 662 4.89 -10.05 16.30
N PHE A 663 5.92 -9.27 15.98
CA PHE A 663 7.14 -9.79 15.46
C PHE A 663 7.88 -10.56 16.52
N ARG A 664 7.93 -10.03 17.73
CA ARG A 664 8.65 -10.70 18.79
C ARG A 664 7.98 -12.03 19.19
N VAL A 665 6.67 -12.07 19.16
CA VAL A 665 5.92 -13.33 19.44
C VAL A 665 6.26 -14.48 18.47
N ALA A 666 6.41 -14.13 17.21
CA ALA A 666 6.91 -15.07 16.16
C ALA A 666 8.36 -15.55 16.41
N THR A 667 9.25 -14.66 16.87
CA THR A 667 10.67 -14.94 16.86
C THR A 667 11.28 -15.23 18.21
N SER A 668 10.51 -15.17 19.29
CA SER A 668 11.07 -15.14 20.66
C SER A 668 11.18 -16.48 21.39
N GLY A 669 10.69 -17.57 20.79
CA GLY A 669 10.81 -18.91 21.38
C GLY A 669 12.08 -19.76 21.02
N VAL A 670 12.97 -19.20 20.21
CA VAL A 670 14.11 -19.92 19.70
C VAL A 670 15.24 -19.96 20.75
N GLU A 671 16.24 -20.81 20.50
CA GLU A 671 17.38 -20.98 21.36
C GLU A 671 18.27 -19.78 21.14
N ASN A 672 19.12 -19.49 22.12
CA ASN A 672 20.01 -18.36 21.96
C ASN A 672 20.91 -18.40 20.71
N SER A 673 21.23 -19.60 20.23
CA SER A 673 22.19 -19.74 19.12
C SER A 673 21.50 -19.67 17.77
N THR A 674 20.17 -19.57 17.76
CA THR A 674 19.38 -19.43 16.56
C THR A 674 19.42 -17.95 16.15
N GLN A 675 19.89 -17.69 14.94
CA GLN A 675 20.17 -16.33 14.44
C GLN A 675 18.93 -15.77 13.71
N ILE A 676 18.24 -14.83 14.33
CA ILE A 676 17.01 -14.26 13.76
C ILE A 676 17.32 -13.01 12.93
N HIS A 677 16.98 -13.01 11.64
CA HIS A 677 17.23 -11.80 10.83
C HIS A 677 15.91 -11.11 10.52
N SER A 678 15.96 -9.79 10.35
CA SER A 678 14.85 -9.06 9.76
C SER A 678 15.24 -8.14 8.59
N HIS A 679 14.37 -8.11 7.60
CA HIS A 679 14.51 -7.30 6.41
C HIS A 679 13.42 -6.21 6.30
N PHE A 680 13.82 -5.01 5.90
CA PHE A 680 13.01 -3.78 5.89
C PHE A 680 13.24 -3.02 4.56
N CYS A 681 12.19 -2.45 3.97
CA CYS A 681 12.33 -1.58 2.75
C CYS A 681 11.08 -0.74 2.33
N LEU A 685 11.64 4.60 8.10
CA LEU A 685 11.99 3.45 8.97
C LEU A 685 12.71 3.83 10.29
N ASP A 686 11.92 4.05 11.35
CA ASP A 686 12.39 4.46 12.68
C ASP A 686 13.48 3.57 13.31
N PRO A 687 14.69 4.12 13.52
CA PRO A 687 15.71 3.48 14.36
C PRO A 687 15.24 2.75 15.61
N ASN A 688 14.51 3.42 16.47
CA ASN A 688 14.12 2.82 17.75
C ASN A 688 13.09 1.73 17.61
N HIS A 689 12.23 1.79 16.58
CA HIS A 689 11.27 0.71 16.34
C HIS A 689 12.07 -0.52 15.95
N ILE A 690 13.10 -0.31 15.11
CA ILE A 690 13.92 -1.41 14.64
C ILE A 690 14.56 -2.11 15.82
N LYS A 691 15.22 -1.37 16.71
CA LYS A 691 15.73 -1.93 17.99
C LYS A 691 14.68 -2.76 18.75
N ALA A 692 13.49 -2.22 18.95
CA ALA A 692 12.43 -2.97 19.67
C ALA A 692 12.09 -4.36 19.10
N LEU A 693 12.46 -4.61 17.86
CA LEU A 693 12.28 -5.94 17.29
C LEU A 693 13.35 -6.94 17.78
N ASP A 694 14.51 -6.43 18.22
CA ASP A 694 15.62 -7.22 18.82
C ASP A 694 16.15 -8.35 17.96
N ALA A 695 16.10 -8.19 16.65
CA ALA A 695 16.64 -9.17 15.73
C ALA A 695 18.13 -9.22 15.89
N ASP A 696 18.72 -10.42 15.73
CA ASP A 696 20.16 -10.57 15.84
C ASP A 696 20.86 -9.79 14.73
N VAL A 697 20.20 -9.73 13.57
CA VAL A 697 20.76 -9.13 12.37
C VAL A 697 19.64 -8.48 11.58
N VAL A 698 19.91 -7.28 11.05
CA VAL A 698 18.93 -6.55 10.23
C VAL A 698 19.44 -6.34 8.78
N SER A 699 18.59 -6.45 7.75
CA SER A 699 18.91 -5.82 6.46
C SER A 699 17.99 -4.63 6.16
N ILE A 700 18.54 -3.58 5.55
CA ILE A 700 17.76 -2.37 5.24
C ILE A 700 18.10 -1.82 3.87
N GLU A 701 17.08 -1.77 3.01
CA GLU A 701 17.14 -1.08 1.70
C GLU A 701 17.83 0.24 1.95
N PHE A 702 18.85 0.56 1.15
CA PHE A 702 19.60 1.80 1.31
C PHE A 702 20.21 2.30 0.00
N SER A 703 21.34 1.70 -0.38
CA SER A 703 22.27 2.19 -1.43
C SER A 703 22.14 3.68 -1.81
N ASP A 706 20.39 9.68 0.91
CA ASP A 706 20.92 8.83 1.98
C ASP A 706 22.02 9.58 2.76
N ASP A 707 21.71 10.03 3.99
CA ASP A 707 22.68 10.72 4.86
C ASP A 707 23.40 9.74 5.82
N PRO A 708 24.72 9.97 6.05
CA PRO A 708 25.46 9.12 7.01
C PRO A 708 24.88 9.19 8.43
N ASN A 709 24.59 10.40 8.90
CA ASN A 709 24.06 10.63 10.26
C ASN A 709 23.02 9.59 10.72
N TYR A 710 22.09 9.21 9.84
CA TYR A 710 21.08 8.17 10.11
C TYR A 710 21.71 6.91 10.70
N ILE A 711 22.82 6.47 10.09
CA ILE A 711 23.58 5.31 10.55
C ILE A 711 24.22 5.49 11.95
N GLN A 712 24.66 6.72 12.24
CA GLN A 712 25.17 7.11 13.56
C GLN A 712 24.12 6.92 14.67
N GLU A 713 22.87 6.70 14.27
CA GLU A 713 21.80 6.30 15.19
C GLU A 713 22.05 4.95 15.89
N PHE A 714 22.77 4.06 15.22
CA PHE A 714 22.93 2.69 15.72
C PHE A 714 24.29 2.41 16.34
N SER A 715 25.11 3.44 16.53
CA SER A 715 26.52 3.22 16.89
C SER A 715 26.74 2.48 18.21
N GLU A 716 26.07 2.92 19.27
CA GLU A 716 26.10 2.23 20.57
C GLU A 716 24.95 1.21 20.70
N TYR A 717 24.46 0.67 19.57
CA TYR A 717 23.40 -0.39 19.55
C TYR A 717 23.92 -1.76 19.06
N PRO A 718 23.86 -2.79 19.95
CA PRO A 718 24.77 -3.90 19.78
C PRO A 718 24.45 -4.83 18.60
N ASN A 719 23.17 -4.99 18.27
CA ASN A 719 22.76 -5.98 17.28
C ASN A 719 23.38 -5.62 15.91
N HIS A 720 23.47 -6.57 15.01
CA HIS A 720 24.15 -6.32 13.73
C HIS A 720 23.27 -5.85 12.57
N ILE A 721 23.89 -5.11 11.62
CA ILE A 721 23.14 -4.36 10.57
C ILE A 721 23.84 -4.47 9.23
N GLY A 722 23.05 -4.85 8.22
CA GLY A 722 23.47 -4.84 6.84
C GLY A 722 22.74 -3.78 5.99
N LEU A 723 23.39 -2.66 5.72
CA LEU A 723 22.78 -1.57 4.91
C LEU A 723 22.95 -1.85 3.40
N GLY A 724 21.83 -1.94 2.70
CA GLY A 724 21.83 -2.43 1.32
C GLY A 724 22.80 -1.65 0.43
N LEU A 725 23.65 -2.41 -0.26
CA LEU A 725 24.77 -1.88 -0.98
C LEU A 725 24.46 -1.59 -2.47
N PHE A 726 23.46 -2.25 -3.04
CA PHE A 726 23.07 -1.94 -4.40
C PHE A 726 21.55 -2.03 -4.68
N ASP A 727 21.13 -1.15 -5.60
CA ASP A 727 19.76 -1.03 -6.07
C ASP A 727 19.39 -2.22 -6.95
N ILE A 728 18.43 -3.03 -6.53
CA ILE A 728 18.13 -4.23 -7.29
C ILE A 728 17.15 -3.98 -8.47
N HIS A 729 16.59 -2.78 -8.51
CA HIS A 729 15.69 -2.40 -9.60
C HIS A 729 16.47 -1.97 -10.87
N SER A 730 17.73 -1.58 -10.71
CA SER A 730 18.65 -1.33 -11.84
C SER A 730 19.31 -2.64 -12.33
N PRO A 731 19.61 -2.73 -13.65
CA PRO A 731 20.46 -3.81 -14.18
C PRO A 731 22.00 -3.49 -14.10
N ARG A 732 22.34 -2.24 -13.79
CA ARG A 732 23.72 -1.76 -13.79
C ARG A 732 24.54 -2.44 -12.71
N ILE A 733 25.82 -2.70 -13.01
CA ILE A 733 26.73 -3.44 -12.11
C ILE A 733 27.73 -2.48 -11.44
N PRO A 734 27.72 -2.39 -10.09
CA PRO A 734 28.75 -1.58 -9.46
C PRO A 734 30.08 -2.30 -9.49
N SER A 735 31.15 -1.52 -9.56
CA SER A 735 32.50 -2.05 -9.57
C SER A 735 32.79 -2.64 -8.20
N LYS A 736 33.85 -3.43 -8.11
CA LYS A 736 34.49 -3.70 -6.83
C LYS A 736 34.78 -2.33 -6.17
N GLN A 737 35.53 -1.47 -6.84
CA GLN A 737 35.90 -0.22 -6.20
C GLN A 737 34.70 0.59 -5.71
N GLU A 738 33.66 0.68 -6.55
CA GLU A 738 32.35 1.20 -6.14
C GLU A 738 31.94 0.65 -4.75
N PHE A 739 31.75 -0.67 -4.65
CA PHE A 739 31.39 -1.30 -3.38
C PHE A 739 32.37 -0.89 -2.26
N VAL A 740 33.68 -0.94 -2.54
CA VAL A 740 34.70 -0.64 -1.52
C VAL A 740 34.44 0.75 -1.01
N SER A 741 34.32 1.71 -1.94
CA SER A 741 33.88 3.08 -1.65
C SER A 741 32.64 3.11 -0.75
N ARG A 742 31.56 2.46 -1.19
CA ARG A 742 30.30 2.52 -0.44
C ARG A 742 30.46 2.03 1.00
N ILE A 743 31.24 0.97 1.18
CA ILE A 743 31.46 0.39 2.51
C ILE A 743 32.26 1.36 3.39
N GLU A 744 33.39 1.82 2.84
CA GLU A 744 34.26 2.75 3.56
C GLU A 744 33.48 3.99 4.05
N GLU A 745 32.48 4.44 3.28
CA GLU A 745 31.67 5.57 3.73
C GLU A 745 30.97 5.21 5.03
N ILE A 746 30.19 4.11 5.00
CA ILE A 746 29.43 3.64 6.19
C ILE A 746 30.37 3.37 7.37
N LEU A 747 31.52 2.78 7.07
CA LEU A 747 32.46 2.38 8.10
C LEU A 747 32.97 3.54 8.94
N LYS A 748 32.95 4.76 8.38
CA LYS A 748 33.33 5.96 9.13
C LYS A 748 32.35 6.33 10.24
N VAL A 749 31.15 5.73 10.25
CA VAL A 749 30.09 6.03 11.25
C VAL A 749 29.57 4.80 12.01
N TYR A 750 30.12 3.62 11.74
CA TYR A 750 29.53 2.36 12.23
C TYR A 750 30.62 1.29 12.29
N PRO A 751 30.81 0.63 13.46
CA PRO A 751 31.92 -0.35 13.59
C PRO A 751 31.88 -1.56 12.63
N ALA A 752 33.07 -2.03 12.28
CA ALA A 752 33.21 -3.20 11.43
C ALA A 752 32.62 -4.47 12.08
N SER A 753 32.64 -4.56 13.41
CA SER A 753 32.15 -5.80 14.09
C SER A 753 30.66 -6.09 13.86
N LYS A 754 29.90 -5.06 13.50
CA LYS A 754 28.46 -5.20 13.33
C LYS A 754 27.99 -5.19 11.88
N PHE A 755 28.91 -5.17 10.92
CA PHE A 755 28.49 -4.81 9.61
C PHE A 755 28.29 -6.05 8.76
N TRP A 756 27.09 -6.18 8.21
CA TRP A 756 26.82 -7.22 7.22
C TRP A 756 26.91 -6.64 5.82
N VAL A 757 27.17 -7.49 4.84
CA VAL A 757 27.22 -7.01 3.50
C VAL A 757 26.16 -7.65 2.63
N ASN A 758 25.20 -6.86 2.12
CA ASN A 758 24.13 -7.40 1.28
C ASN A 758 23.48 -6.41 0.31
N PRO A 759 22.70 -6.92 -0.65
CA PRO A 759 21.98 -6.00 -1.56
C PRO A 759 20.79 -5.34 -0.86
N ASP A 760 20.13 -4.34 -1.48
CA ASP A 760 18.96 -3.69 -0.82
C ASP A 760 17.84 -4.65 -0.57
N CYS A 761 17.71 -5.67 -1.42
CA CYS A 761 16.52 -6.52 -1.44
C CYS A 761 16.76 -7.76 -2.30
N GLY A 762 15.70 -8.56 -2.51
CA GLY A 762 15.76 -9.75 -3.34
C GLY A 762 16.22 -9.43 -4.76
N LEU A 763 16.48 -10.48 -5.52
CA LEU A 763 17.06 -10.43 -6.88
C LEU A 763 16.15 -11.14 -7.89
N LYS A 764 14.92 -11.33 -7.49
CA LYS A 764 13.93 -12.02 -8.28
C LYS A 764 13.67 -11.33 -9.63
N THR A 765 13.85 -10.00 -9.67
CA THR A 765 13.46 -9.20 -10.83
C THR A 765 14.64 -8.91 -11.75
N ARG A 766 15.80 -9.50 -11.48
CA ARG A 766 17.02 -9.17 -12.22
C ARG A 766 17.43 -10.34 -13.08
N GLY A 767 18.29 -10.06 -14.03
CA GLY A 767 18.87 -11.08 -14.88
C GLY A 767 20.11 -11.68 -14.27
N TRP A 768 20.40 -12.91 -14.67
CA TRP A 768 21.50 -13.72 -14.12
C TRP A 768 22.89 -13.12 -14.33
N PRO A 769 23.17 -12.52 -15.49
CA PRO A 769 24.50 -11.91 -15.62
C PRO A 769 24.70 -10.62 -14.75
N GLU A 770 23.72 -9.72 -14.68
CA GLU A 770 23.75 -8.61 -13.70
C GLU A 770 24.04 -9.20 -12.28
N VAL A 771 23.29 -10.26 -11.94
CA VAL A 771 23.39 -10.88 -10.63
C VAL A 771 24.80 -11.41 -10.34
N LYS A 772 25.39 -12.12 -11.31
CA LYS A 772 26.67 -12.81 -11.12
C LYS A 772 27.73 -11.78 -10.81
N GLU A 773 27.99 -10.90 -11.75
CA GLU A 773 29.07 -9.93 -11.54
C GLU A 773 28.84 -9.05 -10.26
N SER A 774 27.63 -8.58 -10.05
CA SER A 774 27.32 -7.71 -8.92
C SER A 774 27.63 -8.33 -7.57
N LEU A 775 27.21 -9.58 -7.42
CA LEU A 775 27.44 -10.33 -6.20
C LEU A 775 28.90 -10.73 -6.07
N THR A 776 29.56 -11.04 -7.18
CA THR A 776 31.00 -11.32 -7.19
C THR A 776 31.75 -10.12 -6.62
N ASN A 777 31.54 -8.98 -7.26
CA ASN A 777 32.15 -7.71 -6.86
C ASN A 777 31.85 -7.34 -5.41
N MET A 778 30.60 -7.54 -5.00
CA MET A 778 30.17 -7.28 -3.62
C MET A 778 31.02 -8.08 -2.64
N VAL A 779 31.08 -9.37 -2.88
CA VAL A 779 31.80 -10.29 -2.02
C VAL A 779 33.32 -10.16 -2.07
N GLU A 780 33.92 -9.85 -3.23
CA GLU A 780 35.39 -9.66 -3.23
C GLU A 780 35.72 -8.29 -2.62
N ALA A 781 34.80 -7.35 -2.72
CA ALA A 781 34.93 -6.13 -1.94
C ALA A 781 35.04 -6.45 -0.46
N ALA A 782 34.11 -7.30 -0.01
CA ALA A 782 33.99 -7.66 1.41
C ALA A 782 35.27 -8.30 1.91
N LYS A 783 35.81 -9.21 1.11
CA LYS A 783 36.99 -9.99 1.47
C LYS A 783 38.25 -9.10 1.58
N GLU A 784 38.30 -8.06 0.75
CA GLU A 784 39.38 -7.07 0.80
C GLU A 784 39.42 -6.40 2.19
N PHE A 785 38.25 -5.99 2.71
CA PHE A 785 38.15 -5.50 4.09
C PHE A 785 38.43 -6.58 5.11
N ARG A 786 37.94 -7.79 4.84
CA ARG A 786 38.11 -8.90 5.78
C ARG A 786 39.61 -9.06 6.05
N ALA A 787 40.38 -9.03 4.97
CA ALA A 787 41.84 -9.19 5.00
C ALA A 787 42.58 -8.16 5.86
N LYS A 788 42.15 -6.90 5.85
CA LYS A 788 42.82 -5.87 6.65
C LYS A 788 42.29 -5.75 8.09
N TYR A 789 41.80 -6.86 8.66
CA TYR A 789 41.41 -6.94 10.09
C TYR A 789 41.83 -8.31 10.67
ZN ZN B . 12.59 -6.25 0.33
N HCS C . 12.76 -12.40 0.92
CA HCS C . 12.13 -11.54 -0.10
CB HCS C . 12.18 -10.10 0.37
CG HCS C . 11.29 -9.19 -0.49
SD HCS C . 10.87 -7.76 0.52
C HCS C . 12.91 -11.50 -1.40
OXT HCS C . 12.39 -11.16 -2.44
O HCS C . 14.21 -11.76 -1.38
#